data_8OX1
#
_entry.id   8OX1
#
_cell.length_a   1.00
_cell.length_b   1.00
_cell.length_c   1.00
_cell.angle_alpha   90.00
_cell.angle_beta   90.00
_cell.angle_gamma   90.00
#
_symmetry.space_group_name_H-M   'P 1'
#
loop_
_entity.id
_entity.type
_entity.pdbx_description
1 polymer 'Histone H3.1'
2 polymer 'Histone H4'
3 polymer 'Histone H2A type 1-C'
4 polymer 'Histone H2B type 1-C/E/F/G/I'
5 polymer 'Telomeric DNA C strand'
6 polymer 'Telomeric DNA G strand'
7 polymer 'Telomeric repeat-binding factor 1'
8 polymer 'Telomeric repeat-binding factor 1'
9 water water
#
loop_
_entity_poly.entity_id
_entity_poly.type
_entity_poly.pdbx_seq_one_letter_code
_entity_poly.pdbx_strand_id
1 'polypeptide(L)'
;GPRGMARTKQTARKSTGGKAPRKQLATKAARKSAPATGGVKKPHRYRPGTVALREIRRYQKSTELLIRKLPFQRLVREIA
QDFKTDLRFQSSAVMALQEACEAYLVGLFEDTNLCAIHAKRVTIMPKDIQLARRIRGERA
;
A,E
2 'polypeptide(L)'
;GPRGMSGRGKGGKGLGKGGAKRHRKVLRDNIQGITKPAIRRLARRGGVKRISGLIYEETRGVLKVFLENVIRDAVTYTEH
AKRKTVTAMDVVYALKRQGRTLYGFGG
;
B,F
3 'polypeptide(L)'
;GPRGMSGRGKQGGKARAKAKSRSSRAGLQFPVGRVHRLLRKGNYAERVGAGAPVYLAAVLEYLTAEILELAGNAARDNKK
TRIIPRHLQLAIRNDEELNKLLGRVTIAQGGVLPNIQAVLLPKKTESHHKAKGK
;
C,G
4 'polypeptide(L)'
;GPRGMPEPAKSAPAPKKGSKKAVTKAQKKDGKKRKRSRKESYSVYVYKVLKQVHPDTGISSKAMGIMNSFVNDIFERIAG
EASRLAHYNKRSTITSREIQTAVRLLLPGELAKHAVSEGTKAVTKYTSSK
;
D,H
5 'polydeoxyribonucleotide'
;(DA)(DT)(DC)(DA)(DC)(DC)(DC)(DT)(DA)(DA)(DC)(DC)(DC)(DT)(DA)(DA)(DC)(DC)(DC)(DT)
(DA)(DA)(DC)(DC)(DC)(DT)(DA)(DA)(DC)(DC)(DC)(DT)(DA)(DA)(DC)(DC)(DC)(DT)(DA)(DA)
(DC)(DC)(DC)(DT)(DA)(DA)(DC)(DC)(DC)(DT)(DA)(DA)(DC)(DC)(DC)(DT)(DA)(DA)(DC)(DC)
(DC)(DT)(DA)(DA)(DC)(DC)(DC)(DT)(DA)(DA)(DC)(DC)(DC)(DT)(DA)(DA)(DC)(DC)(DC)(DT)
(DA)(DA)(DC)(DC)(DC)(DT)(DA)(DA)(DC)(DC)(DC)(DT)(DA)(DA)(DC)(DC)(DC)(DT)(DA)(DA)
(DC)(DC)(DC)(DT)(DA)(DA)(DC)(DC)(DC)(DT)(DA)(DA)(DC)(DC)(DC)(DT)(DA)(DA)(DC)(DC)
(DC)(DT)(DA)(DA)(DC)(DC)(DC)(DT)(DA)(DA)(DC)(DC)(DC)(DT)(DA)(DA)(DC)(DC)(DC)(DT)
(DA)(DA)(DG)(DA)(DT)
;
I
6 'polydeoxyribonucleotide'
;(DA)(DT)(DC)(DT)(DT)(DA)(DG)(DG)(DG)(DT)(DT)(DA)(DG)(DG)(DG)(DT)(DT)(DA)(DG)(DG)
(DG)(DT)(DT)(DA)(DG)(DG)(DG)(DT)(DT)(DA)(DG)(DG)(DG)(DT)(DT)(DA)(DG)(DG)(DG)(DT)
(DT)(DA)(DG)(DG)(DG)(DT)(DT)(DA)(DG)(DG)(DG)(DT)(DT)(DA)(DG)(DG)(DG)(DT)(DT)(DA)
(DG)(DG)(DG)(DT)(DT)(DA)(DG)(DG)(DG)(DT)(DT)(DA)(DG)(DG)(DG)(DT)(DT)(DA)(DG)(DG)
(DG)(DT)(DT)(DA)(DG)(DG)(DG)(DT)(DT)(DA)(DG)(DG)(DG)(DT)(DT)(DA)(DG)(DG)(DG)(DT)
(DT)(DA)(DG)(DG)(DG)(DT)(DT)(DA)(DG)(DG)(DG)(DT)(DT)(DA)(DG)(DG)(DG)(DT)(DT)(DA)
(DG)(DG)(DG)(DT)(DT)(DA)(DG)(DG)(DG)(DT)(DT)(DA)(DG)(DG)(DG)(DT)(DT)(DA)(DG)(DG)
(DG)(DT)(DG)(DA)(DT)
;
J
7 'polypeptide(L)'
;MAEDVSSAAPSPRGCADGRDADPTEEQMAETERNDEEQFECQELLECQVQVGAPEEEEEEEEDAGLVAEAEAVAAGWMLD
FLCLSLCRAFRDGRSEDFRRTRNSAEAIIHGLSSLTACQLRTIYICQFLTRIAAGKTLDAQFENDERITPLESALMIWGS
IEKEHDKLHEEIQNLIKIQAIAVCMENGNFKEAEEVFERIFGDPNSHMPFKSKLLMIISQKDTFHSFFQHFSYNHMMEKI
KSYVNYVLSEKSSTFLMKAAAKVVESKRTRTITSQDKPSGNDVEMETEANLDTRKSVSDKQSAVTESSEGTVSLLRSHKN
LFLSKLQHGTQQQDLNKKERRVGTPQSTKKKKESRRATESRIPVSKSQPVTPEKHRARKRQAWLWEEDKNLRSGVRKYGE
GNWSKILLHYKFNNRTSVMLKDRWRTMKKLKLISSDSED
;
L
8 'polypeptide(L)'
;MAEDVSSAAPSPRGCADGRDADPTEEQMAETERNDEEQFECQELLECQVQVGAPEEEEEEEEDAGLVAEAEAVAAGWMLD
FLCLSLCRAFRDGRSEDFRRTRNSAEAIIHGLSSLTACQLRTIYICQFLTRIAAGKTLDAQFENDERITPLESALMIWGS
IEKEHDKLHEEIQNLIKIQAIAVCMENGNFKEAEEVFERIFGDPNSHMPFKSKLLMIISQKDTFHSFFQHFSYNHMMEKI
KSYVNYVLSEKSSTFLMKAAAKVVESKRTRTITSQDKPSGNDVEMETEANLDTRKSVSDKQSAVTESSEGTVSLLRSHKN
LFLSKLQHGTQQQDLNKKERRVGTPQSTKKKKESRRATESRIPVSKSQPVTPEKHRARKRQAWLWEEDKNLRSGVRKYGE
GNWSKILLHYKFNNRTSVMLKDRWRTMKKLKLI(SEP)(SEP)D(SEP)ED
;
M
#
# COMPACT_ATOMS: atom_id res chain seq x y z
N LYS A 42 36.96 1.09 37.99
CA LYS A 42 35.64 1.26 37.33
C LYS A 42 35.70 2.36 36.27
N PRO A 43 36.08 1.98 35.03
CA PRO A 43 36.07 2.95 33.91
C PRO A 43 34.71 3.55 33.53
N HIS A 44 34.75 4.65 32.78
CA HIS A 44 33.51 5.33 32.34
C HIS A 44 32.51 4.44 31.59
N ARG A 45 31.37 4.17 32.23
CA ARG A 45 30.32 3.32 31.67
C ARG A 45 29.00 4.08 31.49
N TYR A 46 28.47 4.00 30.29
CA TYR A 46 27.20 4.65 29.98
C TYR A 46 26.05 3.88 30.55
N ARG A 47 25.14 4.58 31.22
CA ARG A 47 23.96 3.95 31.78
C ARG A 47 23.13 3.41 30.63
N PRO A 48 22.38 2.33 30.86
CA PRO A 48 21.54 1.80 29.77
C PRO A 48 20.44 2.79 29.45
N GLY A 49 20.09 2.87 28.17
CA GLY A 49 19.12 3.85 27.70
C GLY A 49 19.75 5.01 26.97
N THR A 50 20.93 5.43 27.41
CA THR A 50 21.70 6.43 26.68
C THR A 50 22.19 5.85 25.37
N VAL A 51 22.69 4.61 25.38
CA VAL A 51 23.16 4.03 24.11
C VAL A 51 21.99 3.62 23.21
N ALA A 52 20.87 3.27 23.80
CA ALA A 52 19.69 2.94 23.01
C ALA A 52 19.18 4.15 22.24
N LEU A 53 19.14 5.31 22.90
CA LEU A 53 18.72 6.54 22.25
C LEU A 53 19.67 6.99 21.18
N ARG A 54 20.96 6.80 21.39
CA ARG A 54 21.97 7.11 20.39
C ARG A 54 21.78 6.27 19.11
N GLU A 55 21.45 5.00 19.25
CA GLU A 55 21.27 4.11 18.09
C GLU A 55 19.98 4.40 17.38
N ILE A 56 18.95 4.75 18.13
CA ILE A 56 17.66 5.07 17.53
C ILE A 56 17.89 6.22 16.60
N ARG A 57 18.61 7.22 17.07
CA ARG A 57 18.92 8.36 16.24
C ARG A 57 19.83 7.99 15.09
N ARG A 58 20.73 7.05 15.30
CA ARG A 58 21.63 6.61 14.24
C ARG A 58 20.85 5.97 13.11
N TYR A 59 20.00 5.02 13.43
CA TYR A 59 19.32 4.27 12.41
C TYR A 59 18.05 4.92 11.87
N GLN A 60 17.55 5.95 12.52
CA GLN A 60 16.41 6.66 11.95
C GLN A 60 16.89 7.73 11.00
N LYS A 61 18.19 8.02 11.02
CA LYS A 61 18.76 9.02 10.14
C LYS A 61 19.31 8.40 8.86
N SER A 62 19.71 7.14 8.94
CA SER A 62 20.25 6.41 7.81
C SER A 62 19.19 5.76 6.93
N THR A 63 19.61 5.26 5.77
CA THR A 63 18.69 4.63 4.81
C THR A 63 19.14 3.29 4.23
N GLU A 64 20.33 2.83 4.62
CA GLU A 64 20.87 1.55 4.16
C GLU A 64 20.11 0.41 4.76
N LEU A 65 20.26 -0.77 4.18
CA LEU A 65 19.63 -1.99 4.69
C LEU A 65 20.34 -2.55 5.91
N LEU A 66 19.55 -2.98 6.90
CA LEU A 66 20.04 -3.40 8.19
C LEU A 66 20.20 -4.91 8.32
N ILE A 67 19.87 -5.67 7.28
CA ILE A 67 20.02 -7.12 7.28
C ILE A 67 21.09 -7.44 6.23
N ARG A 68 22.04 -8.30 6.60
CA ARG A 68 23.12 -8.64 5.69
C ARG A 68 22.58 -9.32 4.43
N LYS A 69 23.19 -9.07 3.29
CA LYS A 69 22.62 -9.47 2.01
C LYS A 69 22.67 -10.97 1.73
N LEU A 70 23.80 -11.59 2.01
CA LEU A 70 23.97 -13.02 1.73
C LEU A 70 23.01 -13.96 2.51
N PRO A 71 22.88 -13.77 3.84
CA PRO A 71 21.88 -14.53 4.57
C PRO A 71 20.46 -14.37 4.04
N PHE A 72 20.10 -13.15 3.68
CA PHE A 72 18.76 -12.89 3.21
C PHE A 72 18.53 -13.56 1.85
N GLN A 73 19.54 -13.54 1.00
CA GLN A 73 19.45 -14.24 -0.27
C GLN A 73 19.28 -15.76 -0.09
N ARG A 74 20.05 -16.34 0.83
CA ARG A 74 19.88 -17.75 1.17
C ARG A 74 18.46 -18.05 1.65
N LEU A 75 17.93 -17.18 2.51
CA LEU A 75 16.57 -17.35 3.00
C LEU A 75 15.54 -17.30 1.87
N VAL A 76 15.70 -16.36 0.96
CA VAL A 76 14.79 -16.21 -0.16
C VAL A 76 14.78 -17.44 -1.05
N ARG A 77 15.97 -17.95 -1.34
CA ARG A 77 16.09 -19.11 -2.19
C ARG A 77 15.50 -20.36 -1.52
N GLU A 78 15.78 -20.52 -0.23
CA GLU A 78 15.24 -21.65 0.52
C GLU A 78 13.71 -21.61 0.56
N ILE A 79 13.14 -20.43 0.77
CA ILE A 79 11.68 -20.30 0.81
C ILE A 79 11.08 -20.62 -0.56
N ALA A 80 11.70 -20.12 -1.61
CA ALA A 80 11.20 -20.35 -2.95
C ALA A 80 11.35 -21.81 -3.40
N GLN A 81 12.25 -22.57 -2.78
CA GLN A 81 12.40 -23.99 -3.12
C GLN A 81 11.10 -24.76 -2.98
N ASP A 82 10.31 -24.42 -1.97
CA ASP A 82 9.03 -25.11 -1.75
C ASP A 82 8.04 -24.92 -2.91
N PHE A 83 7.93 -23.70 -3.40
CA PHE A 83 6.98 -23.38 -4.46
C PHE A 83 7.39 -23.90 -5.84
N LYS A 84 8.69 -23.87 -6.13
CA LYS A 84 9.19 -24.36 -7.40
C LYS A 84 10.67 -24.67 -7.29
N THR A 85 11.13 -25.66 -8.04
CA THR A 85 12.54 -26.07 -8.03
C THR A 85 13.29 -25.48 -9.22
N ASP A 86 14.59 -25.31 -9.04
CA ASP A 86 15.48 -24.76 -10.07
C ASP A 86 14.94 -23.43 -10.57
N LEU A 87 14.90 -22.47 -9.65
CA LEU A 87 14.32 -21.17 -9.91
C LEU A 87 15.42 -20.15 -9.82
N ARG A 88 15.57 -19.35 -10.86
CA ARG A 88 16.59 -18.31 -10.85
C ARG A 88 15.96 -17.01 -10.39
N PHE A 89 16.78 -16.15 -9.80
CA PHE A 89 16.34 -14.88 -9.23
C PHE A 89 17.22 -13.79 -9.80
N GLN A 90 16.61 -12.72 -10.32
CA GLN A 90 17.35 -11.51 -10.67
C GLN A 90 17.97 -10.84 -9.42
N SER A 91 19.11 -10.19 -9.63
CA SER A 91 19.75 -9.38 -8.58
C SER A 91 18.73 -8.43 -7.92
N SER A 92 18.04 -7.63 -8.73
CA SER A 92 17.07 -6.66 -8.24
C SER A 92 15.82 -7.25 -7.57
N ALA A 93 15.46 -8.47 -7.93
CA ALA A 93 14.29 -9.11 -7.31
C ALA A 93 14.55 -9.37 -5.83
N VAL A 94 15.74 -9.86 -5.52
CA VAL A 94 16.12 -10.09 -4.13
C VAL A 94 16.27 -8.74 -3.40
N MET A 95 16.79 -7.73 -4.08
CA MET A 95 16.88 -6.40 -3.49
C MET A 95 15.52 -5.83 -3.13
N ALA A 96 14.56 -5.96 -4.05
CA ALA A 96 13.19 -5.51 -3.80
C ALA A 96 12.54 -6.26 -2.63
N LEU A 97 12.77 -7.57 -2.58
CA LEU A 97 12.25 -8.35 -1.46
C LEU A 97 12.83 -7.89 -0.12
N GLN A 98 14.12 -7.58 -0.12
CA GLN A 98 14.78 -7.11 1.10
C GLN A 98 14.22 -5.77 1.53
N GLU A 99 14.05 -4.85 0.60
CA GLU A 99 13.46 -3.54 0.92
C GLU A 99 12.07 -3.67 1.51
N ALA A 100 11.23 -4.48 0.87
CA ALA A 100 9.89 -4.74 1.39
C ALA A 100 9.90 -5.35 2.81
N CYS A 101 10.73 -6.36 3.04
CA CYS A 101 10.81 -7.00 4.35
C CYS A 101 11.29 -6.05 5.46
N GLU A 102 12.28 -5.24 5.15
CA GLU A 102 12.80 -4.32 6.15
C GLU A 102 11.76 -3.26 6.50
N ALA A 103 11.08 -2.75 5.46
CA ALA A 103 10.04 -1.77 5.68
C ALA A 103 8.92 -2.37 6.54
N TYR A 104 8.53 -3.59 6.23
CA TYR A 104 7.48 -4.28 6.94
C TYR A 104 7.83 -4.46 8.43
N LEU A 105 9.04 -4.92 8.70
CA LEU A 105 9.47 -5.13 10.09
C LEU A 105 9.58 -3.84 10.85
N VAL A 106 10.04 -2.77 10.19
CA VAL A 106 10.15 -1.48 10.86
C VAL A 106 8.76 -0.94 11.23
N GLY A 107 7.81 -1.06 10.32
CA GLY A 107 6.45 -0.63 10.62
C GLY A 107 5.83 -1.42 11.75
N LEU A 108 6.09 -2.72 11.73
CA LEU A 108 5.56 -3.60 12.77
C LEU A 108 6.11 -3.25 14.15
N PHE A 109 7.41 -2.95 14.23
CA PHE A 109 8.01 -2.53 15.50
C PHE A 109 7.50 -1.17 16.00
N GLU A 110 7.20 -0.26 15.06
CA GLU A 110 6.57 1.01 15.43
C GLU A 110 5.24 0.76 16.17
N ASP A 111 4.41 -0.08 15.55
CA ASP A 111 3.13 -0.46 16.15
C ASP A 111 3.32 -1.23 17.46
N THR A 112 4.33 -2.10 17.47
CA THR A 112 4.64 -2.89 18.65
C THR A 112 5.05 -1.97 19.81
N ASN A 113 5.84 -0.95 19.51
CA ASN A 113 6.29 -0.03 20.53
C ASN A 113 5.11 0.73 21.11
N LEU A 114 4.17 1.12 20.26
CA LEU A 114 2.95 1.78 20.76
C LEU A 114 2.17 0.88 21.71
N CYS A 115 2.03 -0.39 21.34
CA CYS A 115 1.36 -1.35 22.21
C CYS A 115 2.08 -1.52 23.54
N ALA A 116 3.39 -1.56 23.51
CA ALA A 116 4.18 -1.70 24.75
C ALA A 116 4.03 -0.49 25.66
N ILE A 117 4.05 0.69 25.07
CA ILE A 117 3.88 1.93 25.83
C ILE A 117 2.48 1.99 26.44
N HIS A 118 1.49 1.50 25.70
CA HIS A 118 0.12 1.44 26.19
C HIS A 118 -0.04 0.63 27.46
N ALA A 119 0.86 -0.33 27.67
CA ALA A 119 0.86 -1.16 28.87
C ALA A 119 1.83 -0.66 29.91
N LYS A 120 2.18 0.62 29.89
CA LYS A 120 3.13 1.19 30.83
C LYS A 120 4.45 0.41 30.94
N ARG A 121 5.02 0.10 29.78
CA ARG A 121 6.33 -0.54 29.68
C ARG A 121 7.13 0.19 28.60
N VAL A 122 8.45 0.07 28.66
CA VAL A 122 9.32 0.51 27.58
C VAL A 122 9.94 -0.66 26.81
N THR A 123 9.79 -1.88 27.33
CA THR A 123 10.32 -3.08 26.74
C THR A 123 9.25 -3.75 25.90
N ILE A 124 9.54 -3.99 24.64
CA ILE A 124 8.61 -4.72 23.78
C ILE A 124 8.74 -6.23 24.03
N MET A 125 7.61 -6.92 24.01
CA MET A 125 7.50 -8.36 24.25
C MET A 125 6.67 -8.98 23.15
N PRO A 126 6.71 -10.31 23.02
CA PRO A 126 6.03 -10.92 21.87
C PRO A 126 4.51 -10.70 21.82
N LYS A 127 3.87 -10.58 22.98
CA LYS A 127 2.45 -10.24 23.02
C LYS A 127 2.11 -8.89 22.39
N ASP A 128 3.03 -7.94 22.46
CA ASP A 128 2.86 -6.65 21.80
C ASP A 128 2.81 -6.82 20.29
N ILE A 129 3.72 -7.65 19.77
CA ILE A 129 3.73 -7.98 18.36
C ILE A 129 2.43 -8.69 17.97
N GLN A 130 2.01 -9.65 18.79
CA GLN A 130 0.80 -10.40 18.51
C GLN A 130 -0.42 -9.48 18.44
N LEU A 131 -0.52 -8.55 19.38
CA LEU A 131 -1.64 -7.64 19.41
C LEU A 131 -1.64 -6.72 18.21
N ALA A 132 -0.46 -6.20 17.87
CA ALA A 132 -0.34 -5.31 16.72
C ALA A 132 -0.74 -6.03 15.44
N ARG A 133 -0.29 -7.26 15.25
CA ARG A 133 -0.68 -8.05 14.07
C ARG A 133 -2.16 -8.39 14.15
N ARG A 134 -2.66 -8.59 15.35
CA ARG A 134 -4.07 -8.89 15.54
C ARG A 134 -4.95 -7.77 15.02
N ILE A 135 -4.65 -6.54 15.42
CA ILE A 135 -5.44 -5.37 15.02
C ILE A 135 -5.25 -4.96 13.56
N ARG A 136 -4.04 -5.08 13.04
CA ARG A 136 -3.75 -4.73 11.64
C ARG A 136 -4.51 -5.63 10.68
N GLY A 137 -4.95 -6.79 11.15
CA GLY A 137 -5.67 -7.74 10.33
C GLY A 137 -4.81 -8.92 9.94
N GLU A 138 -3.49 -8.81 10.11
CA GLU A 138 -2.58 -9.93 9.87
C GLU A 138 -2.95 -11.13 10.75
N ARG A 139 -3.10 -10.87 12.06
CA ARG A 139 -3.45 -11.87 13.07
C ARG A 139 -2.52 -13.10 13.06
N LYS B 25 21.67 -28.95 -4.15
CA LYS B 25 21.22 -29.54 -2.86
C LYS B 25 20.05 -28.72 -2.28
N VAL B 26 19.82 -28.83 -0.98
CA VAL B 26 18.78 -28.05 -0.33
C VAL B 26 19.39 -27.16 0.75
N LEU B 27 18.78 -26.00 0.97
CA LEU B 27 19.22 -25.11 2.04
C LEU B 27 18.54 -25.49 3.36
N ARG B 28 19.17 -25.11 4.48
CA ARG B 28 18.68 -25.50 5.81
C ARG B 28 18.96 -24.45 6.88
N ASP B 29 17.94 -24.13 7.69
CA ASP B 29 18.09 -23.22 8.81
C ASP B 29 18.70 -21.87 8.43
N ASN B 30 18.25 -21.31 7.32
CA ASN B 30 18.76 -20.04 6.88
C ASN B 30 18.09 -18.88 7.57
N ILE B 31 16.98 -19.14 8.23
CA ILE B 31 16.28 -18.13 9.01
C ILE B 31 17.14 -17.58 10.11
N GLN B 32 17.94 -18.43 10.73
CA GLN B 32 18.84 -18.01 11.77
C GLN B 32 19.87 -17.01 11.24
N GLY B 33 19.99 -16.93 9.93
CA GLY B 33 20.79 -15.89 9.33
C GLY B 33 20.35 -14.48 9.64
N ILE B 34 19.07 -14.31 9.97
CA ILE B 34 18.57 -13.02 10.39
C ILE B 34 18.94 -12.93 11.84
N THR B 35 20.11 -12.37 12.11
CA THR B 35 20.67 -12.40 13.46
C THR B 35 20.02 -11.43 14.44
N LYS B 36 20.26 -11.65 15.72
CA LYS B 36 19.79 -10.76 16.76
C LYS B 36 20.31 -9.34 16.57
N PRO B 37 21.59 -9.20 16.25
CA PRO B 37 22.05 -7.85 15.99
C PRO B 37 21.24 -7.14 14.91
N ALA B 38 20.86 -7.86 13.87
CA ALA B 38 20.09 -7.29 12.77
C ALA B 38 18.66 -6.97 13.19
N ILE B 39 18.04 -7.82 13.97
CA ILE B 39 16.69 -7.55 14.45
C ILE B 39 16.68 -6.37 15.41
N ARG B 40 17.76 -6.16 16.15
CA ARG B 40 17.83 -5.01 17.04
C ARG B 40 17.97 -3.72 16.24
N ARG B 41 18.69 -3.75 15.12
CA ARG B 41 18.77 -2.59 14.25
C ARG B 41 17.42 -2.22 13.67
N LEU B 42 16.65 -3.20 13.24
CA LEU B 42 15.33 -2.95 12.69
C LEU B 42 14.41 -2.36 13.74
N ALA B 43 14.56 -2.80 14.97
CA ALA B 43 13.77 -2.26 16.06
C ALA B 43 14.10 -0.82 16.36
N ARG B 44 15.38 -0.49 16.40
CA ARG B 44 15.81 0.86 16.64
C ARG B 44 15.33 1.86 15.61
N ARG B 45 15.30 1.48 14.34
CA ARG B 45 14.72 2.33 13.31
C ARG B 45 13.25 2.46 13.54
N GLY B 46 12.66 1.51 14.24
CA GLY B 46 11.25 1.60 14.63
C GLY B 46 11.03 2.37 15.90
N GLY B 47 12.10 2.79 16.54
CA GLY B 47 12.01 3.61 17.73
C GLY B 47 12.06 2.87 19.05
N VAL B 48 12.49 1.62 19.08
CA VAL B 48 12.35 0.80 20.27
C VAL B 48 13.54 1.00 21.19
N LYS B 49 13.28 1.07 22.49
CA LYS B 49 14.36 1.36 23.45
C LYS B 49 14.89 0.14 24.17
N ARG B 50 14.02 -0.81 24.46
CA ARG B 50 14.42 -2.07 25.02
C ARG B 50 13.70 -3.19 24.38
N ILE B 51 14.36 -4.34 24.24
CA ILE B 51 13.85 -5.47 23.49
C ILE B 51 13.96 -6.73 24.33
N SER B 52 12.85 -7.35 24.65
CA SER B 52 12.85 -8.64 25.31
C SER B 52 13.59 -9.69 24.48
N GLY B 53 14.13 -10.70 25.15
CA GLY B 53 14.90 -11.73 24.46
C GLY B 53 14.06 -12.70 23.65
N LEU B 54 12.76 -12.73 23.93
CA LEU B 54 11.87 -13.66 23.24
C LEU B 54 11.34 -13.12 21.93
N ILE B 55 11.62 -11.86 21.63
CA ILE B 55 11.15 -11.24 20.42
C ILE B 55 11.89 -11.76 19.21
N TYR B 56 13.16 -12.09 19.38
CA TYR B 56 13.99 -12.45 18.25
C TYR B 56 13.40 -13.64 17.52
N GLU B 57 12.96 -14.66 18.26
CA GLU B 57 12.34 -15.82 17.61
C GLU B 57 10.96 -15.49 17.02
N GLU B 58 10.23 -14.61 17.69
CA GLU B 58 8.95 -14.17 17.17
C GLU B 58 9.12 -13.47 15.82
N THR B 59 9.94 -12.45 15.79
CA THR B 59 10.26 -11.74 14.55
C THR B 59 10.68 -12.65 13.40
N ARG B 60 11.45 -13.69 13.69
CA ARG B 60 11.84 -14.64 12.64
C ARG B 60 10.62 -15.29 12.01
N GLY B 61 9.68 -15.72 12.84
CA GLY B 61 8.44 -16.31 12.36
C GLY B 61 7.61 -15.39 11.50
N VAL B 62 7.47 -14.15 11.98
CA VAL B 62 6.72 -13.11 11.26
C VAL B 62 7.33 -12.88 9.88
N LEU B 63 8.65 -12.72 9.86
CA LEU B 63 9.37 -12.47 8.61
C LEU B 63 9.17 -13.63 7.65
N LYS B 64 9.20 -14.84 8.19
CA LYS B 64 9.07 -16.02 7.37
C LYS B 64 7.72 -16.07 6.70
N VAL B 65 6.68 -15.76 7.46
CA VAL B 65 5.31 -15.74 6.92
C VAL B 65 5.16 -14.68 5.81
N PHE B 66 5.66 -13.48 6.06
CA PHE B 66 5.60 -12.40 5.09
C PHE B 66 6.30 -12.76 3.79
N LEU B 67 7.52 -13.29 3.91
CA LEU B 67 8.29 -13.71 2.73
C LEU B 67 7.62 -14.83 1.95
N GLU B 68 7.05 -15.81 2.65
CA GLU B 68 6.36 -16.91 1.97
C GLU B 68 5.18 -16.39 1.12
N ASN B 69 4.38 -15.48 1.71
CA ASN B 69 3.24 -14.93 0.97
C ASN B 69 3.70 -14.18 -0.29
N VAL B 70 4.68 -13.32 -0.12
CA VAL B 70 5.14 -12.50 -1.21
C VAL B 70 5.79 -13.36 -2.29
N ILE B 71 6.64 -14.29 -1.86
CA ILE B 71 7.36 -15.15 -2.79
C ILE B 71 6.41 -16.10 -3.53
N ARG B 72 5.38 -16.58 -2.83
CA ARG B 72 4.37 -17.42 -3.49
C ARG B 72 3.73 -16.69 -4.66
N ASP B 73 3.28 -15.47 -4.39
CA ASP B 73 2.65 -14.67 -5.44
C ASP B 73 3.62 -14.35 -6.58
N ALA B 74 4.87 -14.02 -6.24
CA ALA B 74 5.88 -13.71 -7.26
C ALA B 74 6.16 -14.89 -8.17
N VAL B 75 6.27 -16.06 -7.56
CA VAL B 75 6.53 -17.27 -8.32
C VAL B 75 5.32 -17.61 -9.21
N THR B 76 4.11 -17.35 -8.74
CA THR B 76 2.92 -17.54 -9.57
C THR B 76 2.98 -16.65 -10.82
N TYR B 77 3.33 -15.38 -10.61
CA TYR B 77 3.46 -14.46 -11.73
C TYR B 77 4.55 -14.95 -12.69
N THR B 78 5.68 -15.39 -12.17
CA THR B 78 6.77 -15.91 -12.98
C THR B 78 6.33 -17.16 -13.78
N GLU B 79 5.64 -18.08 -13.12
CA GLU B 79 5.16 -19.29 -13.78
C GLU B 79 4.15 -19.00 -14.91
N HIS B 80 3.32 -17.99 -14.72
CA HIS B 80 2.40 -17.59 -15.77
C HIS B 80 3.12 -17.11 -17.00
N ALA B 81 4.20 -16.37 -16.82
CA ALA B 81 4.98 -15.82 -17.94
C ALA B 81 5.85 -16.84 -18.66
N LYS B 82 5.79 -18.11 -18.26
CA LYS B 82 6.60 -19.18 -18.84
C LYS B 82 8.12 -19.01 -18.60
N ARG B 83 8.48 -18.12 -17.69
CA ARG B 83 9.87 -17.87 -17.33
C ARG B 83 10.33 -18.77 -16.19
N LYS B 84 11.64 -18.95 -16.09
CA LYS B 84 12.26 -19.62 -14.96
C LYS B 84 13.03 -18.67 -14.05
N THR B 85 13.02 -17.38 -14.32
CA THR B 85 13.70 -16.39 -13.51
C THR B 85 12.69 -15.43 -12.89
N VAL B 86 12.73 -15.27 -11.57
CA VAL B 86 11.89 -14.29 -10.89
C VAL B 86 12.47 -12.89 -11.07
N THR B 87 11.76 -12.04 -11.79
CA THR B 87 12.20 -10.67 -12.05
C THR B 87 11.72 -9.72 -10.96
N ALA B 88 12.31 -8.54 -10.92
CA ALA B 88 11.92 -7.56 -9.88
C ALA B 88 10.47 -7.10 -10.07
N MET B 89 10.01 -7.11 -11.31
CA MET B 89 8.65 -6.70 -11.59
C MET B 89 7.67 -7.69 -11.06
N ASP B 90 8.05 -8.97 -11.05
CA ASP B 90 7.24 -10.01 -10.44
C ASP B 90 7.02 -9.73 -8.96
N VAL B 91 8.10 -9.37 -8.27
CA VAL B 91 8.00 -9.01 -6.87
C VAL B 91 7.17 -7.75 -6.65
N VAL B 92 7.34 -6.76 -7.52
CA VAL B 92 6.56 -5.53 -7.42
C VAL B 92 5.05 -5.80 -7.57
N TYR B 93 4.67 -6.65 -8.51
CA TYR B 93 3.28 -7.04 -8.64
C TYR B 93 2.76 -7.81 -7.43
N ALA B 94 3.56 -8.70 -6.88
CA ALA B 94 3.14 -9.49 -5.75
C ALA B 94 2.90 -8.61 -4.54
N LEU B 95 3.72 -7.58 -4.38
CA LEU B 95 3.59 -6.67 -3.26
C LEU B 95 2.38 -5.79 -3.42
N LYS B 96 2.12 -5.34 -4.64
CA LYS B 96 0.99 -4.45 -4.90
C LYS B 96 -0.32 -5.12 -4.61
N ARG B 97 -0.40 -6.41 -4.91
CA ARG B 97 -1.63 -7.13 -4.69
C ARG B 97 -1.84 -7.46 -3.22
N GLN B 98 -0.82 -7.28 -2.41
CA GLN B 98 -0.95 -7.46 -0.98
C GLN B 98 -1.02 -6.11 -0.30
N GLY B 99 -1.31 -5.07 -1.06
CA GLY B 99 -1.47 -3.74 -0.51
C GLY B 99 -0.23 -3.12 0.11
N ARG B 100 0.94 -3.48 -0.42
CA ARG B 100 2.22 -2.89 -0.05
C ARG B 100 2.95 -2.46 -1.34
N THR B 101 2.59 -1.31 -1.90
CA THR B 101 3.17 -0.80 -3.11
C THR B 101 4.60 -0.37 -2.83
N LEU B 102 5.46 -0.55 -3.83
CA LEU B 102 6.87 -0.29 -3.70
C LEU B 102 7.32 0.54 -4.89
N TYR B 103 7.93 1.69 -4.61
CA TYR B 103 8.50 2.53 -5.67
C TYR B 103 10.02 2.33 -5.71
N GLY B 104 10.59 2.43 -6.90
CA GLY B 104 12.04 2.34 -7.05
C GLY B 104 12.49 1.24 -7.97
N PHE B 105 11.78 0.13 -7.98
CA PHE B 105 12.23 -1.07 -8.73
C PHE B 105 11.49 -1.33 -10.02
N GLY B 106 10.93 -0.28 -10.61
CA GLY B 106 10.16 -0.41 -11.85
C GLY B 106 8.66 -0.33 -11.62
N GLY B 107 7.91 -0.33 -12.72
CA GLY B 107 6.46 -0.19 -12.69
C GLY B 107 6.03 1.24 -12.42
N ALA C 15 -30.50 -28.09 -42.11
CA ALA C 15 -30.88 -26.81 -41.42
C ALA C 15 -30.16 -26.67 -40.07
N ARG C 16 -30.46 -25.59 -39.35
CA ARG C 16 -29.84 -25.30 -38.06
C ARG C 16 -30.14 -26.43 -37.06
N ALA C 17 -29.08 -26.91 -36.43
CA ALA C 17 -29.20 -27.94 -35.40
C ALA C 17 -29.79 -27.33 -34.13
N LYS C 18 -30.46 -28.16 -33.34
CA LYS C 18 -31.07 -27.70 -32.09
C LYS C 18 -29.99 -27.23 -31.14
N ALA C 19 -30.18 -26.02 -30.59
CA ALA C 19 -29.16 -25.37 -29.76
C ALA C 19 -29.01 -26.01 -28.39
N LYS C 20 -27.77 -26.27 -28.00
CA LYS C 20 -27.44 -26.71 -26.65
C LYS C 20 -26.63 -25.61 -25.99
N SER C 21 -27.06 -25.15 -24.82
CA SER C 21 -26.35 -24.08 -24.13
C SER C 21 -24.98 -24.54 -23.69
N ARG C 22 -24.03 -23.63 -23.73
CA ARG C 22 -22.68 -23.92 -23.29
C ARG C 22 -22.53 -24.39 -21.83
N SER C 23 -23.46 -24.01 -20.96
CA SER C 23 -23.48 -24.54 -19.61
C SER C 23 -23.75 -26.06 -19.61
N SER C 24 -24.66 -26.51 -20.47
CA SER C 24 -24.98 -27.94 -20.54
C SER C 24 -23.77 -28.74 -21.02
N ARG C 25 -23.04 -28.20 -21.99
CA ARG C 25 -21.87 -28.88 -22.54
C ARG C 25 -20.79 -29.00 -21.48
N ALA C 26 -20.58 -27.92 -20.71
CA ALA C 26 -19.59 -27.93 -19.63
C ALA C 26 -20.09 -28.63 -18.36
N GLY C 27 -21.37 -28.94 -18.29
CA GLY C 27 -21.94 -29.58 -17.12
C GLY C 27 -22.15 -28.65 -15.95
N LEU C 28 -22.27 -27.35 -16.20
CA LEU C 28 -22.42 -26.35 -15.16
C LEU C 28 -23.86 -25.88 -15.01
N GLN C 29 -24.14 -25.17 -13.94
CA GLN C 29 -25.44 -24.53 -13.72
C GLN C 29 -25.37 -23.07 -14.00
N PHE C 30 -24.24 -22.44 -13.70
CA PHE C 30 -24.07 -21.02 -13.94
C PHE C 30 -24.01 -20.74 -15.43
N PRO C 31 -24.30 -19.50 -15.84
CA PRO C 31 -24.44 -19.20 -17.27
C PRO C 31 -23.11 -18.90 -17.98
N VAL C 32 -22.65 -19.84 -18.79
CA VAL C 32 -21.42 -19.63 -19.53
C VAL C 32 -21.61 -18.53 -20.55
N GLY C 33 -22.79 -18.46 -21.12
CA GLY C 33 -23.08 -17.45 -22.12
C GLY C 33 -23.12 -16.03 -21.58
N ARG C 34 -23.75 -15.84 -20.44
CA ARG C 34 -23.81 -14.51 -19.84
C ARG C 34 -22.44 -14.10 -19.36
N VAL C 35 -21.74 -15.01 -18.72
CA VAL C 35 -20.38 -14.73 -18.24
C VAL C 35 -19.48 -14.26 -19.39
N HIS C 36 -19.62 -14.91 -20.54
CA HIS C 36 -18.88 -14.51 -21.73
C HIS C 36 -19.23 -13.08 -22.16
N ARG C 37 -20.51 -12.76 -22.14
CA ARG C 37 -20.96 -11.41 -22.47
C ARG C 37 -20.40 -10.40 -21.48
N LEU C 38 -20.44 -10.70 -20.18
CA LEU C 38 -19.94 -9.76 -19.18
C LEU C 38 -18.44 -9.53 -19.33
N LEU C 39 -17.70 -10.58 -19.66
CA LEU C 39 -16.28 -10.45 -19.89
C LEU C 39 -15.97 -9.58 -21.11
N ARG C 40 -16.73 -9.77 -22.19
CA ARG C 40 -16.51 -9.00 -23.43
C ARG C 40 -16.88 -7.53 -23.29
N LYS C 41 -17.87 -7.23 -22.45
CA LYS C 41 -18.36 -5.88 -22.29
C LYS C 41 -17.80 -5.17 -21.07
N GLY C 42 -16.86 -5.80 -20.38
CA GLY C 42 -16.35 -5.25 -19.13
C GLY C 42 -15.01 -4.56 -19.23
N ASN C 43 -14.52 -4.39 -20.45
CA ASN C 43 -13.24 -3.71 -20.69
C ASN C 43 -12.10 -4.37 -19.94
N TYR C 44 -12.08 -5.70 -20.00
CA TYR C 44 -11.03 -6.48 -19.36
C TYR C 44 -9.92 -6.76 -20.35
N ALA C 45 -10.27 -6.99 -21.61
CA ALA C 45 -9.25 -7.13 -22.66
C ALA C 45 -9.88 -7.03 -24.02
N GLU C 46 -9.03 -6.93 -25.02
CA GLU C 46 -9.45 -6.81 -26.40
C GLU C 46 -10.21 -8.03 -26.88
N ARG C 47 -9.73 -9.22 -26.55
CA ARG C 47 -10.35 -10.49 -26.97
C ARG C 47 -10.60 -11.40 -25.76
N VAL C 48 -11.63 -12.25 -25.81
CA VAL C 48 -11.91 -13.22 -24.75
C VAL C 48 -11.92 -14.62 -25.37
N GLY C 49 -11.13 -15.52 -24.79
CA GLY C 49 -11.04 -16.89 -25.27
C GLY C 49 -12.29 -17.69 -25.02
N ALA C 50 -12.34 -18.87 -25.62
CA ALA C 50 -13.54 -19.69 -25.57
C ALA C 50 -13.68 -20.43 -24.26
N GLY C 51 -12.55 -20.78 -23.64
CA GLY C 51 -12.56 -21.50 -22.37
C GLY C 51 -12.61 -20.64 -21.14
N ALA C 52 -12.37 -19.34 -21.29
CA ALA C 52 -12.35 -18.43 -20.15
C ALA C 52 -13.69 -18.32 -19.45
N PRO C 53 -14.77 -18.08 -20.20
CA PRO C 53 -16.06 -18.03 -19.52
C PRO C 53 -16.44 -19.35 -18.85
N VAL C 54 -16.10 -20.48 -19.46
CA VAL C 54 -16.39 -21.79 -18.87
C VAL C 54 -15.64 -21.95 -17.53
N TYR C 55 -14.37 -21.60 -17.54
CA TYR C 55 -13.55 -21.74 -16.33
C TYR C 55 -14.07 -20.83 -15.21
N LEU C 56 -14.39 -19.60 -15.55
CA LEU C 56 -14.84 -18.64 -14.55
C LEU C 56 -16.21 -19.02 -14.00
N ALA C 57 -17.10 -19.48 -14.87
CA ALA C 57 -18.41 -19.93 -14.43
C ALA C 57 -18.29 -21.14 -13.50
N ALA C 58 -17.39 -22.07 -13.83
CA ALA C 58 -17.15 -23.19 -12.95
C ALA C 58 -16.63 -22.78 -11.57
N VAL C 59 -15.72 -21.83 -11.53
CA VAL C 59 -15.16 -21.36 -10.26
C VAL C 59 -16.25 -20.67 -9.44
N LEU C 60 -17.05 -19.85 -10.09
CA LEU C 60 -18.14 -19.15 -9.38
C LEU C 60 -19.16 -20.12 -8.80
N GLU C 61 -19.52 -21.14 -9.58
CA GLU C 61 -20.47 -22.16 -9.14
C GLU C 61 -19.92 -22.93 -7.94
N TYR C 62 -18.63 -23.27 -8.00
CA TYR C 62 -17.99 -23.98 -6.90
C TYR C 62 -18.03 -23.18 -5.62
N LEU C 63 -17.65 -21.91 -5.70
CA LEU C 63 -17.65 -21.04 -4.53
C LEU C 63 -19.04 -20.86 -3.95
N THR C 64 -20.02 -20.69 -4.82
CA THR C 64 -21.41 -20.59 -4.40
C THR C 64 -21.84 -21.86 -3.66
N ALA C 65 -21.48 -23.01 -4.21
CA ALA C 65 -21.91 -24.28 -3.63
C ALA C 65 -21.29 -24.47 -2.26
N GLU C 66 -20.02 -24.10 -2.11
CA GLU C 66 -19.34 -24.18 -0.82
C GLU C 66 -20.06 -23.36 0.25
N ILE C 67 -20.28 -22.09 -0.07
CA ILE C 67 -20.93 -21.19 0.86
C ILE C 67 -22.32 -21.71 1.22
N LEU C 68 -23.09 -22.11 0.21
CA LEU C 68 -24.45 -22.55 0.42
C LEU C 68 -24.53 -23.82 1.24
N GLU C 69 -23.58 -24.73 1.03
CA GLU C 69 -23.52 -25.94 1.86
C GLU C 69 -23.37 -25.58 3.33
N LEU C 70 -22.35 -24.78 3.64
CA LEU C 70 -22.11 -24.38 5.02
C LEU C 70 -23.29 -23.58 5.60
N ALA C 71 -23.90 -22.71 4.80
CA ALA C 71 -25.05 -21.94 5.26
C ALA C 71 -26.25 -22.83 5.56
N GLY C 72 -26.50 -23.84 4.75
CA GLY C 72 -27.60 -24.76 5.02
C GLY C 72 -27.33 -25.58 6.28
N ASN C 73 -26.09 -25.98 6.50
CA ASN C 73 -25.73 -26.66 7.73
C ASN C 73 -25.97 -25.75 8.94
N ALA C 74 -25.61 -24.48 8.82
CA ALA C 74 -25.83 -23.51 9.88
C ALA C 74 -27.30 -23.33 10.16
N ALA C 75 -28.12 -23.32 9.11
CA ALA C 75 -29.56 -23.16 9.26
C ALA C 75 -30.18 -24.32 10.01
N ARG C 76 -29.79 -25.54 9.64
CA ARG C 76 -30.34 -26.72 10.28
C ARG C 76 -30.09 -26.69 11.78
N ASP C 77 -28.88 -26.27 12.14
CA ASP C 77 -28.51 -26.18 13.55
C ASP C 77 -29.36 -25.19 14.34
N ASN C 78 -29.97 -24.25 13.64
CA ASN C 78 -30.86 -23.29 14.29
C ASN C 78 -32.30 -23.70 14.13
N LYS C 79 -32.53 -24.92 13.65
CA LYS C 79 -33.88 -25.42 13.40
C LYS C 79 -34.68 -24.51 12.46
N LYS C 80 -34.04 -24.07 11.40
CA LYS C 80 -34.68 -23.25 10.39
C LYS C 80 -34.57 -23.94 9.06
N THR C 81 -35.61 -23.82 8.24
CA THR C 81 -35.65 -24.48 6.94
C THR C 81 -35.44 -23.49 5.82
N ARG C 82 -34.65 -22.45 6.07
CA ARG C 82 -34.52 -21.37 5.11
C ARG C 82 -33.36 -20.48 5.52
N ILE C 83 -32.42 -20.29 4.60
CA ILE C 83 -31.21 -19.53 4.84
C ILE C 83 -31.50 -18.03 4.90
N ILE C 84 -31.00 -17.39 5.96
CA ILE C 84 -31.08 -15.94 6.14
C ILE C 84 -29.65 -15.41 6.21
N PRO C 85 -29.47 -14.09 6.17
CA PRO C 85 -28.10 -13.56 6.21
C PRO C 85 -27.28 -13.97 7.41
N ARG C 86 -27.93 -14.18 8.55
CA ARG C 86 -27.24 -14.67 9.75
C ARG C 86 -26.54 -15.98 9.46
N HIS C 87 -27.22 -16.87 8.75
CA HIS C 87 -26.65 -18.18 8.46
C HIS C 87 -25.44 -18.06 7.54
N LEU C 88 -25.53 -17.16 6.56
CA LEU C 88 -24.39 -16.90 5.68
C LEU C 88 -23.19 -16.34 6.46
N GLN C 89 -23.45 -15.41 7.36
CA GLN C 89 -22.40 -14.86 8.19
C GLN C 89 -21.77 -15.92 9.09
N LEU C 90 -22.58 -16.76 9.71
CA LEU C 90 -22.03 -17.85 10.53
C LEU C 90 -21.21 -18.83 9.70
N ALA C 91 -21.67 -19.14 8.49
CA ALA C 91 -20.92 -20.03 7.61
C ALA C 91 -19.57 -19.41 7.20
N ILE C 92 -19.57 -18.14 6.83
CA ILE C 92 -18.36 -17.48 6.36
C ILE C 92 -17.36 -17.31 7.49
N ARG C 93 -17.81 -16.83 8.65
CA ARG C 93 -16.89 -16.52 9.75
C ARG C 93 -16.33 -17.72 10.48
N ASN C 94 -17.03 -18.86 10.39
CA ASN C 94 -16.57 -20.08 11.02
C ASN C 94 -15.76 -20.97 10.09
N ASP C 95 -15.45 -20.47 8.90
CA ASP C 95 -14.60 -21.20 7.98
C ASP C 95 -13.38 -20.37 7.71
N GLU C 96 -12.20 -20.96 7.92
CA GLU C 96 -10.97 -20.21 7.80
C GLU C 96 -10.79 -19.58 6.42
N GLU C 97 -10.79 -20.39 5.39
CA GLU C 97 -10.50 -19.90 4.05
C GLU C 97 -11.53 -18.93 3.49
N LEU C 98 -12.81 -19.19 3.72
CA LEU C 98 -13.83 -18.25 3.32
C LEU C 98 -13.72 -16.94 4.09
N ASN C 99 -13.38 -17.02 5.37
CA ASN C 99 -13.19 -15.81 6.16
C ASN C 99 -12.03 -15.02 5.60
N LYS C 100 -11.00 -15.73 5.15
CA LYS C 100 -9.85 -15.07 4.57
C LYS C 100 -10.25 -14.39 3.28
N LEU C 101 -11.05 -15.08 2.48
CA LEU C 101 -11.49 -14.51 1.21
C LEU C 101 -12.38 -13.30 1.39
N LEU C 102 -13.27 -13.35 2.37
CA LEU C 102 -14.23 -12.26 2.58
C LEU C 102 -13.96 -11.51 3.90
N GLY C 103 -12.69 -11.22 4.17
CA GLY C 103 -12.30 -10.56 5.41
C GLY C 103 -12.78 -9.11 5.48
N ARG C 104 -12.73 -8.42 4.35
CA ARG C 104 -13.07 -7.01 4.28
C ARG C 104 -14.49 -6.82 3.75
N VAL C 105 -15.37 -7.78 4.01
CA VAL C 105 -16.75 -7.75 3.53
C VAL C 105 -17.68 -7.72 4.74
N THR C 106 -18.69 -6.87 4.65
CA THR C 106 -19.74 -6.73 5.66
C THR C 106 -21.02 -7.29 5.10
N ILE C 107 -21.61 -8.23 5.82
CA ILE C 107 -22.89 -8.81 5.42
C ILE C 107 -24.00 -8.07 6.18
N ALA C 108 -24.95 -7.54 5.44
CA ALA C 108 -26.04 -6.80 6.02
C ALA C 108 -26.97 -7.74 6.78
N GLN C 109 -27.37 -7.35 7.98
CA GLN C 109 -28.18 -8.18 8.87
C GLN C 109 -27.55 -9.54 9.20
N GLY C 110 -26.23 -9.58 9.30
CA GLY C 110 -25.50 -10.81 9.57
C GLY C 110 -25.01 -10.97 11.02
N GLY C 111 -24.79 -9.87 11.72
CA GLY C 111 -24.33 -9.94 13.10
C GLY C 111 -22.86 -10.31 13.19
N VAL C 112 -22.47 -10.77 14.36
CA VAL C 112 -21.11 -11.21 14.62
C VAL C 112 -21.13 -12.61 15.22
N LEU C 113 -19.99 -13.30 15.20
CA LEU C 113 -19.86 -14.58 15.90
C LEU C 113 -19.86 -14.34 17.41
N PRO C 114 -20.60 -15.16 18.16
CA PRO C 114 -20.52 -15.15 19.61
C PRO C 114 -19.10 -15.40 20.13
N ASN C 115 -18.58 -14.43 20.87
CA ASN C 115 -17.22 -14.48 21.38
C ASN C 115 -17.04 -13.49 22.55
N ILE C 116 -16.74 -14.04 23.72
CA ILE C 116 -16.42 -13.26 24.90
C ILE C 116 -15.02 -13.68 25.35
N GLN C 117 -14.20 -12.71 25.71
CA GLN C 117 -12.85 -12.99 26.19
C GLN C 117 -12.89 -13.71 27.55
N ALA C 118 -11.93 -14.59 27.77
CA ALA C 118 -11.89 -15.42 28.98
C ALA C 118 -11.73 -14.60 30.25
N VAL C 119 -10.91 -13.54 30.15
CA VAL C 119 -10.66 -12.64 31.29
C VAL C 119 -11.91 -11.88 31.76
N LEU C 120 -12.89 -11.72 30.88
CA LEU C 120 -14.15 -11.05 31.22
C LEU C 120 -15.18 -11.95 31.91
N LEU C 121 -14.97 -13.26 31.87
CA LEU C 121 -15.91 -14.19 32.49
C LEU C 121 -15.79 -14.17 34.00
N PRO C 122 -16.84 -14.63 34.72
CA PRO C 122 -16.76 -14.63 36.18
C PRO C 122 -15.62 -15.48 36.71
N LYS C 123 -15.19 -15.17 37.94
CA LYS C 123 -13.99 -15.78 38.53
C LYS C 123 -14.12 -17.30 38.63
N LYS C 124 -15.27 -17.77 39.11
CA LYS C 124 -15.54 -19.20 39.25
C LYS C 124 -16.49 -19.68 38.16
N LYS D 33 -46.71 3.99 -23.57
CA LYS D 33 -46.42 2.61 -23.07
C LYS D 33 -44.91 2.37 -22.94
N ARG D 34 -44.29 3.12 -22.04
CA ARG D 34 -42.85 3.03 -21.81
C ARG D 34 -42.47 1.69 -21.19
N LYS D 35 -41.33 1.14 -21.64
CA LYS D 35 -40.82 -0.14 -21.16
C LYS D 35 -39.77 0.13 -20.10
N ARG D 36 -39.91 -0.50 -18.94
CA ARG D 36 -38.88 -0.43 -17.90
C ARG D 36 -37.79 -1.48 -18.16
N SER D 37 -36.54 -1.06 -18.02
CA SER D 37 -35.40 -1.93 -18.34
C SER D 37 -35.27 -3.12 -17.39
N ARG D 38 -35.02 -4.30 -17.97
CA ARG D 38 -34.84 -5.53 -17.22
C ARG D 38 -33.58 -5.51 -16.34
N LYS D 39 -33.66 -6.17 -15.19
CA LYS D 39 -32.55 -6.28 -14.25
C LYS D 39 -32.07 -7.72 -14.26
N GLU D 40 -30.84 -7.94 -14.74
CA GLU D 40 -30.24 -9.28 -14.73
C GLU D 40 -29.73 -9.62 -13.32
N SER D 41 -29.80 -10.88 -12.94
CA SER D 41 -29.25 -11.35 -11.68
C SER D 41 -28.95 -12.83 -11.70
N TYR D 42 -28.24 -13.31 -10.67
CA TYR D 42 -27.86 -14.70 -10.55
C TYR D 42 -28.78 -15.60 -9.70
N SER D 43 -29.99 -15.12 -9.41
CA SER D 43 -30.89 -15.85 -8.53
C SER D 43 -31.23 -17.25 -8.99
N VAL D 44 -31.65 -17.41 -10.23
CA VAL D 44 -32.06 -18.75 -10.66
C VAL D 44 -30.87 -19.67 -10.62
N TYR D 45 -29.71 -19.11 -10.88
CA TYR D 45 -28.52 -19.93 -10.93
C TYR D 45 -28.17 -20.41 -9.52
N VAL D 46 -28.25 -19.54 -8.54
CA VAL D 46 -28.00 -19.89 -7.16
C VAL D 46 -29.03 -20.85 -6.57
N TYR D 47 -30.28 -20.70 -6.97
CA TYR D 47 -31.32 -21.61 -6.49
C TYR D 47 -31.09 -23.04 -7.01
N LYS D 48 -30.65 -23.15 -8.23
CA LYS D 48 -30.32 -24.45 -8.80
C LYS D 48 -29.20 -25.13 -8.04
N VAL D 49 -28.19 -24.34 -7.66
CA VAL D 49 -27.08 -24.88 -6.90
C VAL D 49 -27.53 -25.25 -5.49
N LEU D 50 -28.35 -24.39 -4.89
CA LEU D 50 -28.86 -24.65 -3.55
C LEU D 50 -29.62 -25.97 -3.44
N LYS D 51 -30.45 -26.27 -4.42
CA LYS D 51 -31.19 -27.53 -4.46
C LYS D 51 -30.29 -28.70 -4.76
N GLN D 52 -29.15 -28.48 -5.42
CA GLN D 52 -28.16 -29.56 -5.58
C GLN D 52 -27.50 -29.86 -4.23
N VAL D 53 -27.17 -28.82 -3.48
CA VAL D 53 -26.44 -29.00 -2.22
C VAL D 53 -27.40 -29.43 -1.12
N HIS D 54 -28.42 -28.63 -0.86
CA HIS D 54 -29.44 -28.95 0.14
C HIS D 54 -30.77 -29.07 -0.58
N PRO D 55 -31.20 -30.31 -0.88
CA PRO D 55 -32.44 -30.51 -1.64
C PRO D 55 -33.70 -29.84 -1.09
N ASP D 56 -33.82 -29.75 0.23
CA ASP D 56 -35.05 -29.24 0.87
C ASP D 56 -34.76 -28.09 1.82
N THR D 57 -33.95 -27.14 1.37
CA THR D 57 -33.64 -25.94 2.15
C THR D 57 -33.90 -24.75 1.26
N GLY D 58 -34.62 -23.78 1.79
CA GLY D 58 -34.93 -22.56 1.04
C GLY D 58 -34.00 -21.42 1.34
N ILE D 59 -34.26 -20.27 0.72
CA ILE D 59 -33.43 -19.09 0.93
C ILE D 59 -34.32 -17.85 0.87
N SER D 60 -34.11 -16.91 1.79
CA SER D 60 -34.87 -15.67 1.79
C SER D 60 -34.32 -14.67 0.79
N SER D 61 -35.12 -13.65 0.47
CA SER D 61 -34.74 -12.69 -0.56
C SER D 61 -33.51 -11.90 -0.16
N LYS D 62 -33.41 -11.53 1.12
CA LYS D 62 -32.26 -10.81 1.62
C LYS D 62 -30.96 -11.62 1.43
N ALA D 63 -31.00 -12.91 1.78
CA ALA D 63 -29.87 -13.80 1.56
C ALA D 63 -29.52 -14.00 0.08
N MET D 64 -30.52 -14.01 -0.77
CA MET D 64 -30.23 -14.11 -2.21
C MET D 64 -29.55 -12.84 -2.72
N GLY D 65 -29.90 -11.70 -2.14
CA GLY D 65 -29.18 -10.46 -2.44
C GLY D 65 -27.72 -10.54 -2.04
N ILE D 66 -27.47 -11.11 -0.87
CA ILE D 66 -26.10 -11.32 -0.41
C ILE D 66 -25.34 -12.22 -1.40
N MET D 67 -25.98 -13.26 -1.88
CA MET D 67 -25.33 -14.20 -2.81
C MET D 67 -25.06 -13.55 -4.16
N ASN D 68 -25.98 -12.71 -4.62
CA ASN D 68 -25.73 -11.94 -5.85
C ASN D 68 -24.54 -11.00 -5.74
N SER D 69 -24.47 -10.32 -4.60
CA SER D 69 -23.36 -9.45 -4.32
C SER D 69 -22.06 -10.23 -4.30
N PHE D 70 -22.09 -11.40 -3.66
CA PHE D 70 -20.91 -12.26 -3.60
C PHE D 70 -20.42 -12.69 -4.98
N VAL D 71 -21.35 -13.14 -5.81
CA VAL D 71 -20.97 -13.61 -7.13
C VAL D 71 -20.39 -12.46 -7.97
N ASN D 72 -21.04 -11.30 -7.92
CA ASN D 72 -20.53 -10.15 -8.68
C ASN D 72 -19.15 -9.69 -8.18
N ASP D 73 -18.95 -9.70 -6.86
CA ASP D 73 -17.65 -9.37 -6.27
C ASP D 73 -16.54 -10.29 -6.73
N ILE D 74 -16.79 -11.60 -6.66
CA ILE D 74 -15.76 -12.54 -7.06
C ILE D 74 -15.50 -12.49 -8.56
N PHE D 75 -16.56 -12.29 -9.33
CA PHE D 75 -16.40 -12.12 -10.78
C PHE D 75 -15.48 -10.94 -11.07
N GLU D 76 -15.75 -9.80 -10.44
CA GLU D 76 -14.95 -8.61 -10.66
C GLU D 76 -13.50 -8.83 -10.25
N ARG D 77 -13.30 -9.47 -9.10
CA ARG D 77 -11.94 -9.75 -8.63
C ARG D 77 -11.14 -10.59 -9.63
N ILE D 78 -11.70 -11.73 -10.03
CA ILE D 78 -11.02 -12.64 -10.92
C ILE D 78 -10.80 -12.01 -12.30
N ALA D 79 -11.80 -11.30 -12.80
CA ALA D 79 -11.69 -10.68 -14.13
C ALA D 79 -10.64 -9.57 -14.10
N GLY D 80 -10.60 -8.79 -13.04
CA GLY D 80 -9.57 -7.74 -12.93
C GLY D 80 -8.18 -8.29 -12.84
N GLU D 81 -7.99 -9.35 -12.08
CA GLU D 81 -6.67 -9.95 -11.99
C GLU D 81 -6.25 -10.59 -13.32
N ALA D 82 -7.18 -11.22 -14.01
CA ALA D 82 -6.89 -11.79 -15.32
C ALA D 82 -6.53 -10.68 -16.30
N SER D 83 -7.23 -9.56 -16.24
CA SER D 83 -6.94 -8.41 -17.09
C SER D 83 -5.49 -7.93 -16.95
N ARG D 84 -5.05 -7.72 -15.72
CA ARG D 84 -3.67 -7.29 -15.43
C ARG D 84 -2.61 -8.26 -15.89
N LEU D 85 -2.85 -9.55 -15.68
CA LEU D 85 -1.93 -10.58 -16.10
C LEU D 85 -1.69 -10.52 -17.59
N ALA D 86 -2.76 -10.31 -18.35
CA ALA D 86 -2.63 -10.24 -19.80
C ALA D 86 -1.88 -8.97 -20.18
N HIS D 87 -2.15 -7.90 -19.46
CA HIS D 87 -1.47 -6.64 -19.70
C HIS D 87 0.01 -6.76 -19.40
N TYR D 88 0.33 -7.39 -18.29
CA TYR D 88 1.72 -7.56 -17.90
C TYR D 88 2.48 -8.38 -18.92
N ASN D 89 1.80 -9.34 -19.50
CA ASN D 89 2.44 -10.23 -20.45
C ASN D 89 2.23 -9.82 -21.89
N LYS D 90 1.83 -8.56 -22.10
CA LYS D 90 1.65 -8.02 -23.44
C LYS D 90 0.80 -8.92 -24.34
N ARG D 91 -0.21 -9.55 -23.74
CA ARG D 91 -1.13 -10.41 -24.46
C ARG D 91 -2.48 -9.74 -24.48
N SER D 92 -3.19 -9.92 -25.59
CA SER D 92 -4.42 -9.19 -25.84
C SER D 92 -5.67 -10.04 -25.70
N THR D 93 -5.55 -11.18 -25.01
CA THR D 93 -6.66 -12.12 -24.85
C THR D 93 -6.70 -12.61 -23.42
N ILE D 94 -7.90 -12.71 -22.85
CA ILE D 94 -8.11 -13.41 -21.58
C ILE D 94 -8.47 -14.85 -21.90
N THR D 95 -7.64 -15.77 -21.43
CA THR D 95 -7.85 -17.20 -21.66
C THR D 95 -8.01 -17.91 -20.35
N SER D 96 -8.31 -19.20 -20.42
CA SER D 96 -8.44 -20.02 -19.23
C SER D 96 -7.16 -20.05 -18.39
N ARG D 97 -5.98 -19.88 -19.00
CA ARG D 97 -4.74 -19.75 -18.23
C ARG D 97 -4.79 -18.56 -17.28
N GLU D 98 -5.14 -17.40 -17.82
CA GLU D 98 -5.22 -16.18 -17.03
C GLU D 98 -6.21 -16.33 -15.89
N ILE D 99 -7.34 -16.98 -16.16
CA ILE D 99 -8.35 -17.21 -15.12
C ILE D 99 -7.77 -18.15 -14.05
N GLN D 100 -7.03 -19.17 -14.49
CA GLN D 100 -6.41 -20.11 -13.55
C GLN D 100 -5.40 -19.41 -12.65
N THR D 101 -4.59 -18.54 -13.23
CA THR D 101 -3.59 -17.82 -12.45
C THR D 101 -4.25 -16.81 -11.51
N ALA D 102 -5.32 -16.16 -11.96
CA ALA D 102 -6.08 -15.27 -11.07
C ALA D 102 -6.68 -16.04 -9.89
N VAL D 103 -7.21 -17.22 -10.14
CA VAL D 103 -7.79 -18.05 -9.09
C VAL D 103 -6.71 -18.45 -8.08
N ARG D 104 -5.53 -18.82 -8.59
CA ARG D 104 -4.43 -19.18 -7.72
C ARG D 104 -3.97 -18.00 -6.87
N LEU D 105 -3.97 -16.80 -7.43
CA LEU D 105 -3.54 -15.59 -6.71
C LEU D 105 -4.55 -15.18 -5.64
N LEU D 106 -5.83 -15.26 -5.95
CA LEU D 106 -6.88 -14.73 -5.08
C LEU D 106 -7.38 -15.71 -4.03
N LEU D 107 -7.76 -16.90 -4.45
CA LEU D 107 -8.34 -17.87 -3.53
C LEU D 107 -7.27 -18.45 -2.61
N PRO D 108 -7.54 -18.53 -1.29
CA PRO D 108 -6.54 -19.11 -0.39
C PRO D 108 -6.52 -20.65 -0.28
N GLY D 109 -5.43 -21.27 -0.74
CA GLY D 109 -5.12 -22.65 -0.37
C GLY D 109 -6.06 -23.69 -0.96
N GLU D 110 -6.79 -24.37 -0.08
CA GLU D 110 -7.66 -25.47 -0.51
C GLU D 110 -8.76 -25.00 -1.45
N LEU D 111 -9.26 -23.78 -1.22
CA LEU D 111 -10.22 -23.18 -2.13
C LEU D 111 -9.62 -23.06 -3.53
N ALA D 112 -8.38 -22.58 -3.59
CA ALA D 112 -7.73 -22.44 -4.89
C ALA D 112 -7.52 -23.81 -5.56
N LYS D 113 -7.12 -24.80 -4.79
CA LYS D 113 -6.93 -26.14 -5.33
C LYS D 113 -8.21 -26.72 -5.94
N HIS D 114 -9.27 -26.69 -5.15
CA HIS D 114 -10.56 -27.21 -5.61
C HIS D 114 -11.18 -26.42 -6.75
N ALA D 115 -11.01 -25.10 -6.73
CA ALA D 115 -11.53 -24.27 -7.80
C ALA D 115 -10.80 -24.54 -9.11
N VAL D 116 -9.49 -24.69 -9.03
CA VAL D 116 -8.70 -25.02 -10.22
C VAL D 116 -9.15 -26.38 -10.78
N SER D 117 -9.35 -27.35 -9.90
CA SER D 117 -9.82 -28.65 -10.32
C SER D 117 -11.17 -28.56 -11.04
N GLU D 118 -12.11 -27.84 -10.43
CA GLU D 118 -13.46 -27.69 -11.01
C GLU D 118 -13.41 -27.00 -12.38
N GLY D 119 -12.63 -25.93 -12.49
CA GLY D 119 -12.47 -25.22 -13.75
C GLY D 119 -11.86 -26.08 -14.85
N THR D 120 -10.81 -26.80 -14.50
CA THR D 120 -10.18 -27.70 -15.45
C THR D 120 -11.16 -28.80 -15.89
N LYS D 121 -11.90 -29.36 -14.93
CA LYS D 121 -12.91 -30.36 -15.25
C LYS D 121 -13.94 -29.81 -16.24
N ALA D 122 -14.42 -28.60 -15.99
CA ALA D 122 -15.46 -28.00 -16.83
C ALA D 122 -14.93 -27.69 -18.23
N VAL D 123 -13.71 -27.20 -18.33
CA VAL D 123 -13.16 -26.89 -19.66
C VAL D 123 -12.87 -28.16 -20.46
N THR D 124 -12.46 -29.23 -19.80
CA THR D 124 -12.25 -30.50 -20.49
C THR D 124 -13.55 -31.06 -21.07
N LYS D 125 -14.60 -31.02 -20.27
CA LYS D 125 -15.91 -31.51 -20.72
C LYS D 125 -16.46 -30.65 -21.84
N TYR D 126 -16.24 -29.34 -21.74
CA TYR D 126 -16.66 -28.41 -22.78
C TYR D 126 -15.95 -28.72 -24.08
N THR D 127 -14.64 -28.92 -24.00
CA THR D 127 -13.85 -29.21 -25.19
C THR D 127 -14.25 -30.56 -25.80
N SER D 128 -14.43 -31.57 -24.98
CA SER D 128 -14.83 -32.89 -25.48
C SER D 128 -16.16 -32.93 -26.24
N SER D 129 -17.17 -32.22 -25.74
CA SER D 129 -18.47 -32.13 -26.43
C SER D 129 -18.51 -31.20 -27.67
N LYS D 130 -17.38 -30.54 -27.97
CA LYS D 130 -17.28 -29.55 -29.04
C LYS D 130 -18.33 -28.43 -28.95
N LYS E 42 -35.47 -8.40 51.41
CA LYS E 42 -34.43 -7.70 50.61
C LYS E 42 -34.67 -7.95 49.12
N PRO E 43 -34.79 -6.86 48.34
CA PRO E 43 -34.96 -7.04 46.89
C PRO E 43 -33.74 -7.67 46.22
N HIS E 44 -33.90 -8.12 44.99
CA HIS E 44 -32.83 -8.78 44.25
C HIS E 44 -31.97 -7.78 43.50
N ARG E 45 -30.66 -7.99 43.52
CA ARG E 45 -29.75 -7.15 42.75
C ARG E 45 -28.60 -7.99 42.27
N TYR E 46 -28.47 -8.12 40.95
CA TYR E 46 -27.34 -8.82 40.39
C TYR E 46 -26.08 -8.04 40.65
N ARG E 47 -24.98 -8.74 40.87
CA ARG E 47 -23.69 -8.10 41.10
C ARG E 47 -23.23 -7.39 39.83
N PRO E 48 -22.39 -6.37 39.96
CA PRO E 48 -21.86 -5.70 38.76
C PRO E 48 -21.12 -6.65 37.81
N GLY E 49 -21.42 -6.56 36.52
CA GLY E 49 -20.83 -7.41 35.51
C GLY E 49 -21.65 -8.61 35.08
N THR E 50 -22.74 -8.90 35.81
CA THR E 50 -23.62 -9.99 35.46
C THR E 50 -24.55 -9.59 34.33
N VAL E 51 -25.21 -8.46 34.50
CA VAL E 51 -26.12 -7.97 33.48
C VAL E 51 -25.33 -7.58 32.24
N ALA E 52 -24.10 -7.14 32.40
CA ALA E 52 -23.25 -6.85 31.27
C ALA E 52 -22.95 -8.10 30.45
N LEU E 53 -22.67 -9.22 31.12
CA LEU E 53 -22.49 -10.48 30.39
C LEU E 53 -23.77 -10.97 29.71
N ARG E 54 -24.90 -10.81 30.36
CA ARG E 54 -26.18 -11.17 29.74
C ARG E 54 -26.43 -10.34 28.49
N GLU E 55 -26.13 -9.04 28.55
CA GLU E 55 -26.28 -8.15 27.40
C GLU E 55 -25.33 -8.53 26.26
N ILE E 56 -24.10 -8.90 26.62
CA ILE E 56 -23.15 -9.32 25.61
C ILE E 56 -23.70 -10.54 24.86
N ARG E 57 -24.15 -11.54 25.61
CA ARG E 57 -24.73 -12.72 25.00
C ARG E 57 -25.99 -12.39 24.22
N ARG E 58 -26.76 -11.42 24.70
CA ARG E 58 -28.01 -11.02 24.03
C ARG E 58 -27.75 -10.37 22.69
N TYR E 59 -26.83 -9.43 22.64
CA TYR E 59 -26.60 -8.67 21.43
C TYR E 59 -25.62 -9.32 20.47
N GLN E 60 -24.85 -10.32 20.90
CA GLN E 60 -24.05 -11.11 19.97
C GLN E 60 -24.85 -12.24 19.34
N LYS E 61 -26.08 -12.43 19.79
CA LYS E 61 -26.96 -13.48 19.28
C LYS E 61 -27.97 -12.99 18.25
N SER E 62 -28.29 -11.69 18.30
CA SER E 62 -29.23 -11.07 17.38
C SER E 62 -28.51 -10.28 16.28
N THR E 63 -29.30 -9.77 15.34
CA THR E 63 -28.78 -9.07 14.17
C THR E 63 -29.36 -7.68 13.91
N GLU E 64 -30.36 -7.25 14.68
CA GLU E 64 -31.03 -5.99 14.40
C GLU E 64 -30.12 -4.80 14.66
N LEU E 65 -30.43 -3.68 14.05
CA LEU E 65 -29.66 -2.45 14.27
C LEU E 65 -29.88 -1.91 15.70
N LEU E 66 -28.81 -1.40 16.29
CA LEU E 66 -28.80 -0.95 17.66
C LEU E 66 -28.87 0.57 17.80
N ILE E 67 -28.93 1.30 16.69
CA ILE E 67 -29.09 2.75 16.72
C ILE E 67 -30.47 3.01 16.16
N ARG E 68 -31.24 3.84 16.86
CA ARG E 68 -32.61 4.13 16.43
C ARG E 68 -32.58 4.77 15.05
N LYS E 69 -33.57 4.48 14.22
CA LYS E 69 -33.49 4.77 12.79
C LYS E 69 -33.60 6.25 12.47
N LEU E 70 -34.60 6.88 13.07
CA LEU E 70 -34.91 8.28 12.80
C LEU E 70 -33.78 9.27 13.19
N PRO E 71 -33.22 9.17 14.41
CA PRO E 71 -32.04 9.98 14.74
C PRO E 71 -30.86 9.83 13.81
N PHE E 72 -30.56 8.60 13.41
CA PHE E 72 -29.47 8.35 12.49
C PHE E 72 -29.79 8.95 11.14
N GLN E 73 -31.05 8.83 10.72
CA GLN E 73 -31.47 9.42 9.45
C GLN E 73 -31.28 10.95 9.46
N ARG E 74 -31.66 11.59 10.55
CA ARG E 74 -31.43 13.02 10.71
C ARG E 74 -29.94 13.38 10.68
N LEU E 75 -29.12 12.59 11.34
CA LEU E 75 -27.67 12.80 11.31
C LEU E 75 -27.10 12.71 9.89
N VAL E 76 -27.55 11.74 9.12
CA VAL E 76 -27.12 11.58 7.74
C VAL E 76 -27.48 12.80 6.90
N ARG E 77 -28.69 13.28 7.05
CA ARG E 77 -29.15 14.43 6.30
C ARG E 77 -28.39 15.69 6.71
N GLU E 78 -28.15 15.86 7.99
CA GLU E 78 -27.40 17.02 8.47
C GLU E 78 -25.95 17.05 7.92
N ILE E 79 -25.28 15.91 7.95
CA ILE E 79 -23.94 15.81 7.43
C ILE E 79 -23.91 16.08 5.93
N ALA E 80 -24.90 15.56 5.22
CA ALA E 80 -24.95 15.68 3.76
C ALA E 80 -25.22 17.09 3.28
N GLN E 81 -26.00 17.88 4.02
CA GLN E 81 -26.31 19.26 3.60
C GLN E 81 -25.11 20.19 3.57
N ASP E 82 -24.00 19.79 4.20
CA ASP E 82 -22.76 20.56 4.12
C ASP E 82 -22.19 20.46 2.71
N PHE E 83 -22.19 19.26 2.16
CA PHE E 83 -21.64 19.03 0.84
C PHE E 83 -22.52 19.58 -0.26
N LYS E 84 -23.81 19.31 -0.17
CA LYS E 84 -24.77 19.75 -1.19
C LYS E 84 -26.14 19.95 -0.55
N THR E 85 -26.84 20.97 -1.01
CA THR E 85 -28.18 21.29 -0.50
C THR E 85 -29.26 20.70 -1.40
N ASP E 86 -30.47 20.64 -0.85
CA ASP E 86 -31.65 20.09 -1.54
C ASP E 86 -31.39 18.67 -2.05
N LEU E 87 -30.89 17.83 -1.15
CA LEU E 87 -30.42 16.49 -1.50
C LEU E 87 -31.38 15.47 -0.95
N ARG E 88 -31.76 14.53 -1.79
CA ARG E 88 -32.72 13.49 -1.40
C ARG E 88 -31.97 12.19 -1.17
N PHE E 89 -32.57 11.32 -0.35
CA PHE E 89 -32.02 10.01 -0.05
C PHE E 89 -33.06 8.94 -0.26
N GLN E 90 -32.70 7.87 -0.96
CA GLN E 90 -33.48 6.64 -0.94
C GLN E 90 -33.52 6.00 0.45
N SER E 91 -34.60 5.28 0.75
CA SER E 91 -34.67 4.59 2.03
C SER E 91 -33.50 3.62 2.19
N SER E 92 -33.20 2.87 1.14
CA SER E 92 -32.10 1.92 1.12
C SER E 92 -30.72 2.57 1.33
N ALA E 93 -30.53 3.80 0.90
CA ALA E 93 -29.24 4.46 1.05
C ALA E 93 -28.93 4.76 2.52
N VAL E 94 -29.95 5.24 3.23
CA VAL E 94 -29.81 5.49 4.67
C VAL E 94 -29.58 4.18 5.43
N MET E 95 -30.27 3.12 5.05
CA MET E 95 -30.07 1.82 5.66
C MET E 95 -28.67 1.24 5.45
N ALA E 96 -28.18 1.39 4.22
CA ALA E 96 -26.84 0.92 3.89
C ALA E 96 -25.82 1.68 4.69
N LEU E 97 -26.00 2.99 4.81
CA LEU E 97 -25.13 3.79 5.66
C LEU E 97 -25.20 3.31 7.11
N GLN E 98 -26.39 3.00 7.59
CA GLN E 98 -26.55 2.54 8.96
C GLN E 98 -25.84 1.20 9.19
N GLU E 99 -25.99 0.27 8.25
CA GLU E 99 -25.32 -1.03 8.34
C GLU E 99 -23.80 -0.88 8.37
N ALA E 100 -23.28 -0.05 7.47
CA ALA E 100 -21.86 0.22 7.42
C ALA E 100 -21.33 0.85 8.72
N CYS E 101 -22.01 1.86 9.22
CA CYS E 101 -21.60 2.52 10.46
C CYS E 101 -21.61 1.59 11.66
N GLU E 102 -22.68 0.79 11.76
CA GLU E 102 -22.82 -0.10 12.88
C GLU E 102 -21.73 -1.17 12.87
N ALA E 103 -21.47 -1.73 11.68
CA ALA E 103 -20.42 -2.73 11.54
C ALA E 103 -19.05 -2.16 11.91
N TYR E 104 -18.78 -0.96 11.43
CA TYR E 104 -17.53 -0.30 11.72
C TYR E 104 -17.31 -0.09 13.22
N LEU E 105 -18.34 0.39 13.89
CA LEU E 105 -18.24 0.66 15.33
C LEU E 105 -18.12 -0.63 16.15
N VAL E 106 -18.81 -1.67 15.72
CA VAL E 106 -18.72 -2.94 16.44
C VAL E 106 -17.28 -3.48 16.36
N GLY E 107 -16.72 -3.49 15.15
CA GLY E 107 -15.36 -3.96 14.99
C GLY E 107 -14.34 -3.13 15.73
N LEU E 108 -14.55 -1.82 15.71
CA LEU E 108 -13.69 -0.92 16.47
C LEU E 108 -13.74 -1.24 17.96
N PHE E 109 -14.92 -1.57 18.47
CA PHE E 109 -15.05 -1.94 19.87
C PHE E 109 -14.38 -3.28 20.16
N GLU E 110 -14.39 -4.21 19.22
CA GLU E 110 -13.62 -5.45 19.39
C GLU E 110 -12.12 -5.15 19.59
N ASP E 111 -11.56 -4.32 18.71
CA ASP E 111 -10.16 -3.95 18.83
C ASP E 111 -9.85 -3.15 20.11
N THR E 112 -10.76 -2.25 20.47
CA THR E 112 -10.61 -1.44 21.67
C THR E 112 -10.56 -2.33 22.92
N ASN E 113 -11.44 -3.33 22.96
CA ASN E 113 -11.48 -4.24 24.09
C ASN E 113 -10.19 -5.02 24.20
N LEU E 114 -9.63 -5.43 23.06
CA LEU E 114 -8.32 -6.10 23.06
C LEU E 114 -7.23 -5.22 23.62
N CYS E 115 -7.21 -3.95 23.25
CA CYS E 115 -6.23 -3.00 23.82
C CYS E 115 -6.40 -2.85 25.33
N ALA E 116 -7.64 -2.76 25.78
CA ALA E 116 -7.92 -2.66 27.22
C ALA E 116 -7.41 -3.88 27.99
N ILE E 117 -7.66 -5.06 27.45
CA ILE E 117 -7.19 -6.30 28.06
C ILE E 117 -5.66 -6.37 28.04
N HIS E 118 -5.06 -5.86 26.98
CA HIS E 118 -3.60 -5.79 26.89
C HIS E 118 -3.00 -4.93 27.96
N ALA E 119 -3.69 -3.86 28.32
CA ALA E 119 -3.28 -3.01 29.44
C ALA E 119 -3.69 -3.56 30.82
N LYS E 120 -4.08 -4.83 30.91
CA LYS E 120 -4.58 -5.44 32.16
C LYS E 120 -5.74 -4.67 32.80
N ARG E 121 -6.73 -4.36 32.00
CA ARG E 121 -7.95 -3.66 32.44
C ARG E 121 -9.14 -4.32 31.80
N VAL E 122 -10.31 -4.12 32.40
CA VAL E 122 -11.58 -4.60 31.87
C VAL E 122 -12.41 -3.46 31.26
N THR E 123 -12.22 -2.22 31.74
CA THR E 123 -12.93 -1.08 31.20
C THR E 123 -12.20 -0.55 29.99
N ILE E 124 -12.93 -0.23 28.94
CA ILE E 124 -12.36 0.46 27.81
C ILE E 124 -12.33 1.95 28.07
N MET E 125 -11.26 2.60 27.62
CA MET E 125 -11.03 4.01 27.81
C MET E 125 -10.69 4.64 26.45
N PRO E 126 -10.87 5.95 26.32
CA PRO E 126 -10.65 6.58 25.02
C PRO E 126 -9.24 6.41 24.45
N LYS E 127 -8.24 6.26 25.31
CA LYS E 127 -6.90 5.92 24.83
C LYS E 127 -6.84 4.57 24.10
N ASP E 128 -7.68 3.63 24.52
CA ASP E 128 -7.81 2.34 23.81
C ASP E 128 -8.36 2.49 22.41
N ILE E 129 -9.39 3.31 22.28
CA ILE E 129 -9.95 3.62 20.95
C ILE E 129 -8.89 4.29 20.08
N GLN E 130 -8.15 5.22 20.67
CA GLN E 130 -7.10 5.90 19.95
C GLN E 130 -6.00 4.94 19.49
N LEU E 131 -5.61 4.00 20.35
CA LEU E 131 -4.58 3.04 19.96
C LEU E 131 -5.03 2.13 18.84
N ALA E 132 -6.28 1.67 18.94
CA ALA E 132 -6.83 0.80 17.90
C ALA E 132 -6.88 1.52 16.56
N ARG E 133 -7.36 2.77 16.59
CA ARG E 133 -7.47 3.55 15.36
C ARG E 133 -6.10 3.90 14.78
N ARG E 134 -5.10 4.08 15.64
CA ARG E 134 -3.75 4.40 15.16
C ARG E 134 -3.11 3.18 14.51
N ILE E 135 -3.26 2.02 15.12
CA ILE E 135 -2.68 0.81 14.56
C ILE E 135 -3.39 0.38 13.28
N ARG E 136 -4.70 0.58 13.20
CA ARG E 136 -5.46 0.23 11.99
C ARG E 136 -5.16 1.14 10.81
N GLY E 137 -4.45 2.23 11.04
CA GLY E 137 -4.11 3.18 9.98
C GLY E 137 -5.18 4.22 9.70
N GLU E 138 -6.13 4.36 10.62
CA GLU E 138 -7.21 5.35 10.48
C GLU E 138 -6.79 6.74 10.96
N ARG E 139 -5.56 6.88 11.45
CA ARG E 139 -5.04 8.18 11.85
C ARG E 139 -3.52 8.22 11.76
N HIS F 23 -39.99 25.53 3.18
CA HIS F 23 -39.60 24.09 3.21
C HIS F 23 -38.09 23.92 3.18
N ARG F 24 -37.63 22.68 3.40
CA ARG F 24 -36.21 22.32 3.39
C ARG F 24 -35.44 23.10 4.45
N LYS F 25 -35.82 22.87 5.71
CA LYS F 25 -35.21 23.54 6.87
C LYS F 25 -33.87 22.91 7.30
N VAL F 26 -33.09 23.69 8.05
CA VAL F 26 -31.83 23.25 8.64
C VAL F 26 -31.96 22.12 9.69
N LEU F 27 -30.84 21.43 9.92
CA LEU F 27 -30.75 20.41 10.99
C LEU F 27 -29.53 20.73 11.85
N ARG F 28 -29.64 20.51 13.16
CA ARG F 28 -28.58 20.90 14.10
C ARG F 28 -28.56 20.02 15.35
N ASP F 29 -27.35 19.64 15.80
CA ASP F 29 -27.13 18.89 17.06
C ASP F 29 -27.43 17.38 16.97
N ASN F 30 -27.81 16.90 15.78
CA ASN F 30 -28.39 15.56 15.63
C ASN F 30 -27.45 14.42 16.03
N ILE F 31 -26.15 14.72 16.18
CA ILE F 31 -25.17 13.73 16.65
C ILE F 31 -25.44 13.25 18.05
N GLN F 32 -26.10 14.07 18.87
CA GLN F 32 -26.49 13.64 20.20
C GLN F 32 -27.64 12.63 20.17
N GLY F 33 -28.26 12.44 19.02
CA GLY F 33 -29.25 11.38 18.87
C GLY F 33 -28.68 9.97 18.88
N ILE F 34 -27.36 9.86 18.78
CA ILE F 34 -26.68 8.59 18.99
C ILE F 34 -26.45 8.52 20.50
N THR F 35 -27.48 8.12 21.21
CA THR F 35 -27.49 8.19 22.67
C THR F 35 -26.51 7.24 23.37
N LYS F 36 -26.34 7.42 24.68
CA LYS F 36 -25.47 6.56 25.48
C LYS F 36 -25.89 5.08 25.43
N PRO F 37 -27.18 4.77 25.63
CA PRO F 37 -27.64 3.39 25.48
C PRO F 37 -27.28 2.69 24.16
N ALA F 38 -27.38 3.40 23.05
CA ALA F 38 -27.05 2.82 21.76
C ALA F 38 -25.58 2.45 21.65
N ILE F 39 -24.72 3.33 22.17
CA ILE F 39 -23.30 3.08 22.13
C ILE F 39 -22.98 1.90 23.03
N ARG F 40 -23.64 1.79 24.19
CA ARG F 40 -23.43 0.64 25.06
C ARG F 40 -23.87 -0.64 24.33
N ARG F 41 -24.99 -0.60 23.61
CA ARG F 41 -25.40 -1.76 22.83
C ARG F 41 -24.36 -2.19 21.80
N LEU F 42 -23.83 -1.24 21.07
CA LEU F 42 -22.79 -1.52 20.08
C LEU F 42 -21.53 -2.11 20.73
N ALA F 43 -21.17 -1.56 21.90
CA ALA F 43 -20.03 -2.10 22.66
C ALA F 43 -20.32 -3.52 23.11
N ARG F 44 -21.54 -3.78 23.56
CA ARG F 44 -21.90 -5.10 24.02
C ARG F 44 -21.78 -6.11 22.92
N ARG F 45 -22.24 -5.76 21.72
CA ARG F 45 -22.02 -6.63 20.57
C ARG F 45 -20.53 -6.84 20.28
N GLY F 46 -19.71 -5.83 20.52
CA GLY F 46 -18.26 -5.95 20.40
C GLY F 46 -17.58 -6.74 21.50
N GLY F 47 -18.31 -7.04 22.56
CA GLY F 47 -17.82 -7.86 23.65
C GLY F 47 -17.22 -7.07 24.80
N VAL F 48 -17.75 -5.88 25.05
CA VAL F 48 -17.25 -5.02 26.10
C VAL F 48 -18.10 -5.16 27.38
N LYS F 49 -17.41 -5.33 28.51
CA LYS F 49 -18.05 -5.56 29.79
C LYS F 49 -18.21 -4.27 30.58
N ARG F 50 -17.13 -3.49 30.67
CA ARG F 50 -17.19 -2.15 31.31
C ARG F 50 -16.78 -1.04 30.38
N ILE F 51 -17.47 0.09 30.47
CA ILE F 51 -17.27 1.21 29.55
C ILE F 51 -17.02 2.46 30.36
N SER F 52 -15.94 3.18 30.04
CA SER F 52 -15.64 4.47 30.66
C SER F 52 -16.66 5.50 30.23
N GLY F 53 -16.78 6.59 30.97
CA GLY F 53 -17.78 7.62 30.67
C GLY F 53 -17.34 8.57 29.59
N LEU F 54 -16.05 8.55 29.27
CA LEU F 54 -15.48 9.39 28.23
C LEU F 54 -15.58 8.73 26.86
N ILE F 55 -15.97 7.47 26.82
CA ILE F 55 -16.12 6.72 25.59
C ILE F 55 -17.25 7.28 24.75
N TYR F 56 -18.34 7.72 25.37
CA TYR F 56 -19.55 8.10 24.63
C TYR F 56 -19.29 9.29 23.71
N GLU F 57 -18.52 10.29 24.18
CA GLU F 57 -18.17 11.45 23.32
C GLU F 57 -17.11 11.06 22.29
N GLU F 58 -16.20 10.18 22.69
CA GLU F 58 -15.19 9.67 21.77
C GLU F 58 -15.87 9.01 20.56
N THR F 59 -16.72 8.03 20.82
CA THR F 59 -17.46 7.31 19.80
C THR F 59 -18.28 8.18 18.85
N ARG F 60 -18.87 9.23 19.39
CA ARG F 60 -19.60 10.18 18.56
C ARG F 60 -18.69 10.84 17.52
N GLY F 61 -17.49 11.22 17.93
CA GLY F 61 -16.51 11.80 17.02
C GLY F 61 -16.08 10.88 15.91
N VAL F 62 -15.85 9.62 16.27
CA VAL F 62 -15.43 8.59 15.32
C VAL F 62 -16.55 8.33 14.30
N LEU F 63 -17.77 8.23 14.78
CA LEU F 63 -18.91 8.08 13.89
C LEU F 63 -19.05 9.32 13.04
N LYS F 64 -18.80 10.49 13.61
CA LYS F 64 -18.89 11.73 12.85
C LYS F 64 -17.97 11.63 11.62
N VAL F 65 -16.70 11.31 11.81
CA VAL F 65 -15.72 11.22 10.72
C VAL F 65 -16.07 10.15 9.68
N PHE F 66 -16.42 8.94 10.14
CA PHE F 66 -16.68 7.82 9.24
C PHE F 66 -17.77 8.19 8.24
N LEU F 67 -18.89 8.69 8.76
CA LEU F 67 -20.03 9.09 7.94
C LEU F 67 -19.66 10.15 6.91
N GLU F 68 -19.03 11.21 7.39
CA GLU F 68 -18.61 12.33 6.51
C GLU F 68 -17.78 11.81 5.34
N ASN F 69 -16.80 10.95 5.65
CA ASN F 69 -15.98 10.37 4.58
C ASN F 69 -16.86 9.62 3.58
N VAL F 70 -17.74 8.73 4.06
CA VAL F 70 -18.59 7.94 3.19
C VAL F 70 -19.59 8.81 2.41
N ILE F 71 -20.28 9.69 3.11
CA ILE F 71 -21.32 10.53 2.49
C ILE F 71 -20.70 11.44 1.42
N ARG F 72 -19.51 11.98 1.71
CA ARG F 72 -18.84 12.85 0.75
C ARG F 72 -18.65 12.14 -0.59
N ASP F 73 -18.12 10.91 -0.54
CA ASP F 73 -17.91 10.11 -1.76
C ASP F 73 -19.23 9.70 -2.41
N ALA F 74 -20.21 9.34 -1.59
CA ALA F 74 -21.54 8.96 -2.09
C ALA F 74 -22.20 10.11 -2.85
N VAL F 75 -22.01 11.33 -2.35
CA VAL F 75 -22.55 12.52 -2.99
C VAL F 75 -21.74 12.84 -4.25
N THR F 76 -20.43 12.64 -4.21
CA THR F 76 -19.62 12.80 -5.43
C THR F 76 -20.14 11.89 -6.54
N TYR F 77 -20.43 10.64 -6.20
CA TYR F 77 -20.96 9.71 -7.18
C TYR F 77 -22.30 10.19 -7.70
N THR F 78 -23.15 10.67 -6.80
CA THR F 78 -24.46 11.17 -7.18
C THR F 78 -24.35 12.38 -8.11
N GLU F 79 -23.46 13.30 -7.78
CA GLU F 79 -23.26 14.51 -8.57
C GLU F 79 -22.72 14.20 -9.97
N HIS F 80 -21.88 13.19 -10.09
CA HIS F 80 -21.36 12.80 -11.41
C HIS F 80 -22.45 12.31 -12.34
N ALA F 81 -23.49 11.71 -11.78
CA ALA F 81 -24.60 11.16 -12.56
C ALA F 81 -25.69 12.18 -12.86
N LYS F 82 -25.51 13.44 -12.44
CA LYS F 82 -26.49 14.50 -12.63
C LYS F 82 -27.82 14.12 -11.99
N ARG F 83 -27.74 13.62 -10.76
CA ARG F 83 -28.90 13.24 -9.95
C ARG F 83 -28.93 14.04 -8.66
N LYS F 84 -30.10 14.17 -8.08
CA LYS F 84 -30.27 14.83 -6.79
C LYS F 84 -30.66 13.87 -5.68
N THR F 85 -30.80 12.59 -5.97
CA THR F 85 -31.16 11.61 -4.94
C THR F 85 -30.01 10.63 -4.75
N VAL F 86 -29.54 10.48 -3.52
CA VAL F 86 -28.53 9.49 -3.21
C VAL F 86 -29.14 8.10 -3.14
N THR F 87 -28.64 7.20 -3.98
CA THR F 87 -29.15 5.84 -4.07
C THR F 87 -28.27 4.89 -3.27
N ALA F 88 -28.76 3.67 -3.06
CA ALA F 88 -28.01 2.68 -2.31
C ALA F 88 -26.74 2.29 -3.06
N MET F 89 -26.80 2.28 -4.39
CA MET F 89 -25.60 2.00 -5.18
C MET F 89 -24.50 3.01 -4.98
N ASP F 90 -24.87 4.27 -4.83
CA ASP F 90 -23.88 5.30 -4.56
C ASP F 90 -23.15 5.04 -3.25
N VAL F 91 -23.90 4.67 -2.23
CA VAL F 91 -23.32 4.35 -0.93
C VAL F 91 -22.45 3.09 -1.01
N VAL F 92 -22.90 2.10 -1.78
CA VAL F 92 -22.13 0.89 -1.94
C VAL F 92 -20.79 1.17 -2.61
N TYR F 93 -20.80 1.94 -3.69
CA TYR F 93 -19.56 2.29 -4.36
C TYR F 93 -18.65 3.11 -3.44
N ALA F 94 -19.23 4.05 -2.72
CA ALA F 94 -18.45 4.87 -1.80
C ALA F 94 -17.76 4.02 -0.74
N LEU F 95 -18.51 3.10 -0.14
CA LEU F 95 -17.96 2.20 0.85
C LEU F 95 -16.90 1.30 0.25
N LYS F 96 -17.14 0.80 -0.96
CA LYS F 96 -16.19 -0.10 -1.61
C LYS F 96 -14.85 0.57 -1.85
N ARG F 97 -14.86 1.82 -2.27
CA ARG F 97 -13.59 2.49 -2.54
C ARG F 97 -12.80 2.86 -1.29
N GLN F 98 -13.46 2.82 -0.13
CA GLN F 98 -12.76 2.91 1.16
C GLN F 98 -12.30 1.59 1.76
N GLY F 99 -12.49 0.50 1.02
CA GLY F 99 -12.09 -0.82 1.47
C GLY F 99 -13.05 -1.49 2.42
N ARG F 100 -14.31 -1.07 2.36
CA ARG F 100 -15.39 -1.67 3.17
C ARG F 100 -16.51 -2.09 2.25
N THR F 101 -16.37 -3.25 1.62
CA THR F 101 -17.37 -3.80 0.73
C THR F 101 -18.59 -4.25 1.51
N LEU F 102 -19.77 -3.87 1.03
CA LEU F 102 -21.03 -4.17 1.69
C LEU F 102 -21.88 -5.05 0.79
N TYR F 103 -22.35 -6.17 1.32
CA TYR F 103 -23.25 -7.06 0.58
C TYR F 103 -24.68 -6.88 1.07
N GLY F 104 -25.61 -6.93 0.13
CA GLY F 104 -27.02 -6.88 0.43
C GLY F 104 -27.78 -5.65 0.02
N PHE F 105 -27.22 -4.84 -0.85
CA PHE F 105 -27.88 -3.60 -1.29
C PHE F 105 -27.70 -3.35 -2.78
N GLY F 106 -27.55 -4.43 -3.55
CA GLY F 106 -27.42 -4.35 -5.00
C GLY F 106 -26.00 -4.32 -5.56
N GLY F 107 -25.01 -4.59 -4.72
CA GLY F 107 -23.61 -4.66 -5.17
C GLY F 107 -23.35 -5.67 -6.26
N ALA G 15 1.84 20.89 -48.10
CA ALA G 15 0.91 21.92 -47.56
C ALA G 15 0.50 21.80 -46.10
N ARG G 16 0.99 20.80 -45.36
CA ARG G 16 0.58 20.59 -43.98
C ARG G 16 1.09 21.69 -43.06
N ALA G 17 0.20 22.22 -42.23
CA ALA G 17 0.56 23.24 -41.25
C ALA G 17 1.65 22.70 -40.33
N LYS G 18 2.53 23.60 -39.89
CA LYS G 18 3.57 23.26 -38.93
C LYS G 18 2.97 22.52 -37.75
N ALA G 19 3.67 21.50 -37.28
CA ALA G 19 3.18 20.64 -36.20
C ALA G 19 3.43 21.29 -34.84
N LYS G 20 2.35 21.56 -34.12
CA LYS G 20 2.40 22.08 -32.76
C LYS G 20 1.87 20.98 -31.82
N SER G 21 2.71 20.49 -30.91
CA SER G 21 2.34 19.38 -30.01
C SER G 21 1.18 19.73 -29.10
N ARG G 22 0.39 18.72 -28.72
CA ARG G 22 -0.78 18.96 -27.87
C ARG G 22 -0.44 19.43 -26.48
N SER G 23 0.74 19.09 -25.98
CA SER G 23 1.19 19.63 -24.70
C SER G 23 1.42 21.12 -24.77
N SER G 24 1.97 21.61 -25.88
CA SER G 24 2.29 23.03 -26.01
C SER G 24 1.01 23.82 -26.08
N ARG G 25 -0.01 23.26 -26.75
CA ARG G 25 -1.31 23.92 -26.84
C ARG G 25 -1.95 24.12 -25.47
N ALA G 26 -1.79 23.13 -24.59
CA ALA G 26 -2.34 23.18 -23.23
C ALA G 26 -1.41 23.84 -22.19
N GLY G 27 -0.24 24.27 -22.61
CA GLY G 27 0.72 24.86 -21.69
C GLY G 27 1.24 23.90 -20.64
N LEU G 28 1.57 22.68 -21.04
CA LEU G 28 2.00 21.64 -20.11
C LEU G 28 3.38 21.10 -20.50
N GLN G 29 4.09 20.50 -19.55
CA GLN G 29 5.38 19.87 -19.77
C GLN G 29 5.25 18.36 -19.86
N PHE G 30 4.17 17.80 -19.33
CA PHE G 30 3.91 16.35 -19.40
C PHE G 30 3.31 16.02 -20.77
N PRO G 31 3.47 14.78 -21.27
CA PRO G 31 3.08 14.44 -22.65
C PRO G 31 1.60 14.08 -22.82
N VAL G 32 0.83 14.94 -23.49
CA VAL G 32 -0.60 14.68 -23.73
C VAL G 32 -0.81 13.52 -24.72
N GLY G 33 0.02 13.46 -25.75
CA GLY G 33 -0.06 12.39 -26.74
C GLY G 33 0.18 11.02 -26.18
N ARG G 34 1.21 10.88 -25.35
CA ARG G 34 1.53 9.62 -24.69
C ARG G 34 0.44 9.23 -23.70
N VAL G 35 -0.09 10.21 -22.97
CA VAL G 35 -1.17 9.91 -22.02
C VAL G 35 -2.40 9.43 -22.78
N HIS G 36 -2.65 10.03 -23.93
CA HIS G 36 -3.77 9.62 -24.76
C HIS G 36 -3.60 8.18 -25.22
N ARG G 37 -2.39 7.83 -25.64
CA ARG G 37 -2.13 6.45 -26.08
C ARG G 37 -2.27 5.46 -24.93
N LEU G 38 -1.75 5.80 -23.75
CA LEU G 38 -1.89 4.93 -22.60
C LEU G 38 -3.33 4.74 -22.17
N LEU G 39 -4.13 5.80 -22.25
CA LEU G 39 -5.56 5.69 -22.00
C LEU G 39 -6.25 4.79 -23.01
N ARG G 40 -5.89 4.93 -24.28
CA ARG G 40 -6.48 4.10 -25.35
C ARG G 40 -6.07 2.63 -25.25
N LYS G 41 -4.86 2.36 -24.79
CA LYS G 41 -4.34 0.99 -24.74
C LYS G 41 -4.54 0.27 -23.43
N GLY G 42 -4.98 1.00 -22.40
CA GLY G 42 -5.13 0.42 -21.07
C GLY G 42 -6.43 -0.30 -20.81
N ASN G 43 -7.29 -0.40 -21.82
CA ASN G 43 -8.60 -1.05 -21.69
C ASN G 43 -9.44 -0.40 -20.58
N TYR G 44 -9.52 0.92 -20.59
CA TYR G 44 -10.29 1.67 -19.60
C TYR G 44 -11.73 1.95 -20.06
N ALA G 45 -11.92 2.16 -21.36
CA ALA G 45 -13.25 2.29 -21.94
C ALA G 45 -13.19 2.03 -23.43
N GLU G 46 -14.34 2.09 -24.10
CA GLU G 46 -14.38 1.96 -25.54
C GLU G 46 -13.69 3.16 -26.21
N ARG G 47 -13.89 4.35 -25.67
CA ARG G 47 -13.43 5.59 -26.29
C ARG G 47 -12.82 6.50 -25.26
N VAL G 48 -11.91 7.36 -25.71
CA VAL G 48 -11.28 8.37 -24.86
C VAL G 48 -11.47 9.74 -25.50
N GLY G 49 -11.97 10.68 -24.72
CA GLY G 49 -12.23 12.04 -25.19
C GLY G 49 -10.97 12.82 -25.43
N ALA G 50 -11.09 13.94 -26.13
CA ALA G 50 -9.94 14.79 -26.43
C ALA G 50 -9.44 15.53 -25.20
N GLY G 51 -10.37 15.89 -24.32
CA GLY G 51 -10.04 16.59 -23.08
C GLY G 51 -9.43 15.77 -21.99
N ALA G 52 -9.71 14.48 -21.98
CA ALA G 52 -9.26 13.58 -20.91
C ALA G 52 -7.74 13.49 -20.75
N PRO G 53 -7.00 13.23 -21.83
CA PRO G 53 -5.54 13.23 -21.66
C PRO G 53 -4.94 14.57 -21.22
N VAL G 54 -5.53 15.69 -21.64
CA VAL G 54 -5.03 17.00 -21.24
C VAL G 54 -5.23 17.17 -19.73
N TYR G 55 -6.43 16.84 -19.24
CA TYR G 55 -6.73 17.00 -17.83
C TYR G 55 -5.82 16.10 -16.98
N LEU G 56 -5.68 14.85 -17.37
CA LEU G 56 -4.85 13.90 -16.65
C LEU G 56 -3.39 14.29 -16.65
N ALA G 57 -2.88 14.76 -17.78
CA ALA G 57 -1.48 15.22 -17.85
C ALA G 57 -1.27 16.43 -16.95
N ALA G 58 -2.23 17.35 -16.93
CA ALA G 58 -2.16 18.48 -16.03
C ALA G 58 -2.12 18.07 -14.56
N VAL G 59 -2.96 17.11 -14.19
CA VAL G 59 -3.01 16.63 -12.81
C VAL G 59 -1.72 15.91 -12.43
N LEU G 60 -1.19 15.10 -13.33
CA LEU G 60 0.06 14.39 -13.07
C LEU G 60 1.23 15.38 -12.90
N GLU G 61 1.27 16.39 -13.77
CA GLU G 61 2.30 17.43 -13.69
C GLU G 61 2.18 18.23 -12.38
N TYR G 62 0.95 18.50 -11.94
CA TYR G 62 0.75 19.23 -10.70
C TYR G 62 1.28 18.46 -9.50
N LEU G 63 0.93 17.18 -9.44
CA LEU G 63 1.40 16.34 -8.35
C LEU G 63 2.93 16.20 -8.36
N THR G 64 3.50 16.03 -9.54
CA THR G 64 4.94 15.97 -9.66
C THR G 64 5.60 17.27 -9.18
N ALA G 65 5.02 18.40 -9.53
CA ALA G 65 5.58 19.68 -9.13
C ALA G 65 5.54 19.84 -7.62
N GLU G 66 4.45 19.44 -7.00
CA GLU G 66 4.30 19.57 -5.55
C GLU G 66 5.38 18.78 -4.80
N ILE G 67 5.52 17.52 -5.15
CA ILE G 67 6.50 16.64 -4.52
C ILE G 67 7.92 17.13 -4.77
N LEU G 68 8.21 17.53 -6.00
CA LEU G 68 9.55 17.97 -6.34
C LEU G 68 9.91 19.24 -5.63
N GLU G 69 8.95 20.14 -5.46
CA GLU G 69 9.21 21.36 -4.69
C GLU G 69 9.56 21.03 -3.23
N LEU G 70 8.76 20.17 -2.62
CA LEU G 70 9.00 19.82 -1.23
C LEU G 70 10.31 19.04 -1.08
N ALA G 71 10.61 18.17 -2.04
CA ALA G 71 11.85 17.39 -1.99
C ALA G 71 13.07 18.30 -2.14
N GLY G 72 12.96 19.29 -3.02
CA GLY G 72 14.06 20.24 -3.17
C GLY G 72 14.30 21.05 -1.91
N ASN G 73 13.22 21.46 -1.25
CA ASN G 73 13.34 22.16 0.02
C ASN G 73 14.02 21.28 1.06
N ALA G 74 13.63 20.01 1.11
CA ALA G 74 14.24 19.05 2.06
C ALA G 74 15.70 18.85 1.78
N ALA G 75 16.09 18.77 0.51
CA ALA G 75 17.50 18.62 0.15
C ALA G 75 18.30 19.88 0.51
N ARG G 76 17.71 21.05 0.31
CA ARG G 76 18.35 22.30 0.71
C ARG G 76 18.53 22.37 2.23
N ASP G 77 17.58 21.84 2.98
CA ASP G 77 17.69 21.77 4.44
C ASP G 77 18.88 20.93 4.90
N ASN G 78 19.29 19.95 4.10
CA ASN G 78 20.46 19.13 4.41
C ASN G 78 21.70 19.60 3.67
N LYS G 79 21.64 20.79 3.07
CA LYS G 79 22.73 21.32 2.26
C LYS G 79 23.24 20.31 1.21
N LYS G 80 22.30 19.81 0.42
CA LYS G 80 22.58 18.91 -0.69
C LYS G 80 21.98 19.53 -1.95
N THR G 81 22.70 19.47 -3.06
CA THR G 81 22.25 20.04 -4.32
C THR G 81 21.56 19.02 -5.22
N ARG G 82 21.45 17.78 -4.77
CA ARG G 82 20.82 16.73 -5.54
C ARG G 82 19.76 16.06 -4.68
N ILE G 83 18.61 15.81 -5.26
CA ILE G 83 17.53 15.08 -4.63
C ILE G 83 17.82 13.57 -4.67
N ILE G 84 17.68 12.91 -3.53
CA ILE G 84 17.86 11.45 -3.40
C ILE G 84 16.56 10.89 -2.82
N PRO G 85 16.40 9.55 -2.76
CA PRO G 85 15.14 9.03 -2.22
C PRO G 85 14.81 9.46 -0.79
N ARG G 86 15.84 9.71 0.02
CA ARG G 86 15.63 10.22 1.37
C ARG G 86 14.82 11.51 1.36
N HIS G 87 15.16 12.41 0.43
CA HIS G 87 14.51 13.70 0.40
C HIS G 87 13.06 13.54 -0.02
N LEU G 88 12.78 12.65 -0.96
CA LEU G 88 11.39 12.37 -1.35
C LEU G 88 10.63 11.76 -0.19
N GLN G 89 11.27 10.86 0.54
CA GLN G 89 10.64 10.26 1.72
C GLN G 89 10.29 11.33 2.77
N LEU G 90 11.23 12.21 3.09
CA LEU G 90 11.00 13.29 4.05
C LEU G 90 9.87 14.21 3.63
N ALA G 91 9.87 14.60 2.35
CA ALA G 91 8.84 15.48 1.79
C ALA G 91 7.45 14.90 1.89
N ILE G 92 7.31 13.65 1.46
CA ILE G 92 5.99 12.99 1.44
C ILE G 92 5.48 12.76 2.86
N ARG G 93 6.34 12.33 3.78
CA ARG G 93 5.89 12.00 5.14
C ARG G 93 5.77 13.22 6.04
N ASN G 94 6.21 14.39 5.58
CA ASN G 94 6.04 15.63 6.32
C ASN G 94 4.89 16.48 5.77
N ASP G 95 4.20 16.00 4.73
CA ASP G 95 3.01 16.68 4.21
C ASP G 95 1.79 15.81 4.49
N GLU G 96 0.79 16.37 5.17
CA GLU G 96 -0.37 15.61 5.64
C GLU G 96 -1.14 15.00 4.46
N GLU G 97 -1.30 15.78 3.39
CA GLU G 97 -2.07 15.34 2.23
C GLU G 97 -1.31 14.38 1.34
N LEU G 98 -0.01 14.64 1.14
CA LEU G 98 0.83 13.71 0.40
C LEU G 98 1.01 12.40 1.16
N ASN G 99 1.12 12.50 2.47
CA ASN G 99 1.17 11.31 3.30
C ASN G 99 -0.11 10.50 3.21
N LYS G 100 -1.25 11.18 3.16
CA LYS G 100 -2.52 10.49 3.00
C LYS G 100 -2.60 9.83 1.63
N LEU G 101 -2.12 10.52 0.61
CA LEU G 101 -2.18 9.98 -0.75
C LEU G 101 -1.30 8.76 -0.91
N LEU G 102 -0.11 8.80 -0.29
CA LEU G 102 0.88 7.74 -0.42
C LEU G 102 1.10 7.04 0.93
N GLY G 103 0.00 6.72 1.60
CA GLY G 103 0.02 6.08 2.92
C GLY G 103 0.50 4.64 2.89
N ARG G 104 0.23 3.95 1.80
CA ARG G 104 0.50 2.53 1.69
C ARG G 104 1.71 2.25 0.78
N VAL G 105 2.50 3.29 0.51
CA VAL G 105 3.61 3.19 -0.43
C VAL G 105 4.93 3.16 0.32
N THR G 106 5.81 2.25 -0.10
CA THR G 106 7.18 2.15 0.41
C THR G 106 8.16 2.76 -0.57
N ILE G 107 8.91 3.74 -0.12
CA ILE G 107 9.98 4.33 -0.92
C ILE G 107 11.28 3.56 -0.66
N ALA G 108 11.89 3.06 -1.72
CA ALA G 108 13.15 2.31 -1.60
C ALA G 108 14.30 3.24 -1.25
N GLN G 109 15.11 2.86 -0.28
CA GLN G 109 16.20 3.68 0.24
C GLN G 109 15.72 5.04 0.70
N GLY G 110 14.52 5.07 1.27
CA GLY G 110 13.90 6.29 1.76
C GLY G 110 14.09 6.47 3.25
N GLY G 111 14.04 5.38 4.00
CA GLY G 111 14.15 5.46 5.45
C GLY G 111 12.87 5.96 6.10
N VAL G 112 12.93 6.15 7.41
CA VAL G 112 11.78 6.63 8.17
C VAL G 112 12.01 8.06 8.60
N LEU G 113 10.97 8.76 9.02
CA LEU G 113 11.17 10.12 9.52
C LEU G 113 11.52 10.02 11.00
N PRO G 114 12.58 10.71 11.44
CA PRO G 114 13.00 10.61 12.81
C PRO G 114 11.90 10.93 13.80
N ASN G 115 11.59 9.98 14.68
CA ASN G 115 10.54 10.14 15.67
C ASN G 115 10.74 9.19 16.85
N ILE G 116 11.00 9.75 18.02
CA ILE G 116 11.13 8.99 19.25
C ILE G 116 10.01 9.39 20.19
N GLN G 117 9.32 8.42 20.76
CA GLN G 117 8.22 8.73 21.70
C GLN G 117 8.72 9.52 22.89
N ALA G 118 7.83 10.30 23.48
CA ALA G 118 8.20 11.18 24.60
C ALA G 118 8.51 10.40 25.87
N VAL G 119 7.87 9.24 26.03
CA VAL G 119 8.03 8.40 27.22
C VAL G 119 9.44 7.83 27.30
N LEU G 120 10.07 7.62 26.15
CA LEU G 120 11.38 6.98 26.08
C LEU G 120 12.50 7.97 26.28
N LEU G 121 12.22 9.27 26.15
CA LEU G 121 13.25 10.30 26.33
C LEU G 121 13.73 10.40 27.77
N PRO G 122 14.99 10.84 27.98
CA PRO G 122 15.55 10.87 29.34
C PRO G 122 14.82 11.83 30.27
N LYS G 123 14.42 11.31 31.42
CA LYS G 123 13.68 12.07 32.42
C LYS G 123 14.66 12.77 33.34
N LYS G 124 14.84 14.06 33.09
CA LYS G 124 15.75 14.89 33.89
C LYS G 124 14.99 15.61 35.00
N LYS H 32 19.90 -5.44 -39.83
CA LYS H 32 20.98 -6.47 -39.77
C LYS H 32 21.05 -7.11 -38.38
N LYS H 33 21.58 -6.39 -37.39
CA LYS H 33 21.67 -6.92 -36.04
C LYS H 33 20.30 -6.89 -35.36
N ARG H 34 20.20 -7.60 -34.25
CA ARG H 34 18.96 -7.64 -33.49
C ARG H 34 18.79 -6.23 -32.96
N LYS H 35 17.68 -5.58 -33.31
CA LYS H 35 17.38 -4.27 -32.73
C LYS H 35 16.98 -4.47 -31.26
N ARG H 36 17.19 -3.45 -30.44
CA ARG H 36 16.90 -3.55 -29.01
C ARG H 36 15.60 -2.80 -28.68
N SER H 37 14.65 -3.47 -28.02
CA SER H 37 13.40 -2.82 -27.66
C SER H 37 13.63 -1.72 -26.64
N ARG H 38 12.91 -0.61 -26.82
CA ARG H 38 13.08 0.58 -26.01
C ARG H 38 12.01 0.68 -24.92
N LYS H 39 12.45 1.02 -23.71
CA LYS H 39 11.56 1.33 -22.61
C LYS H 39 11.19 2.80 -22.65
N GLU H 40 10.03 3.14 -22.07
CA GLU H 40 9.58 4.52 -21.95
C GLU H 40 9.56 4.91 -20.48
N SER H 41 9.68 6.20 -20.23
CA SER H 41 9.63 6.73 -18.88
C SER H 41 9.24 8.19 -18.91
N TYR H 42 8.92 8.73 -17.73
CA TYR H 42 8.65 10.15 -17.60
C TYR H 42 9.88 10.96 -17.11
N SER H 43 11.11 10.47 -17.34
CA SER H 43 12.29 11.12 -16.78
C SER H 43 12.51 12.50 -17.35
N VAL H 44 12.29 12.64 -18.66
CA VAL H 44 12.47 13.90 -19.35
C VAL H 44 11.52 14.96 -18.80
N TYR H 45 10.26 14.59 -18.67
CA TYR H 45 9.23 15.51 -18.25
C TYR H 45 9.38 15.87 -16.77
N VAL H 46 9.72 14.90 -15.96
CA VAL H 46 9.97 15.15 -14.55
C VAL H 46 11.14 16.12 -14.40
N TYR H 47 12.17 15.94 -15.23
CA TYR H 47 13.31 16.85 -15.22
C TYR H 47 12.90 18.28 -15.62
N LYS H 48 12.02 18.39 -16.61
CA LYS H 48 11.49 19.71 -17.01
C LYS H 48 10.75 20.40 -15.85
N VAL H 49 9.94 19.64 -15.15
CA VAL H 49 9.17 20.15 -14.02
C VAL H 49 10.09 20.58 -12.87
N LEU H 50 11.13 19.78 -12.64
CA LEU H 50 12.10 20.12 -11.59
C LEU H 50 12.80 21.42 -11.94
N LYS H 51 13.21 21.57 -13.20
CA LYS H 51 13.86 22.81 -13.63
C LYS H 51 12.94 24.00 -13.59
N GLN H 52 11.64 23.77 -13.66
CA GLN H 52 10.66 24.83 -13.35
C GLN H 52 10.67 25.23 -11.86
N VAL H 53 10.58 24.26 -10.98
CA VAL H 53 10.43 24.53 -9.53
C VAL H 53 11.77 24.83 -8.81
N HIS H 54 12.83 24.18 -9.24
CA HIS H 54 14.15 24.31 -8.61
C HIS H 54 15.21 24.35 -9.70
N PRO H 55 15.54 25.55 -10.20
CA PRO H 55 16.46 25.66 -11.32
C PRO H 55 17.84 25.06 -11.11
N ASP H 56 18.36 25.16 -9.89
CA ASP H 56 19.72 24.71 -9.60
C ASP H 56 19.80 23.28 -9.08
N THR H 57 18.72 22.79 -8.48
CA THR H 57 18.70 21.45 -7.91
C THR H 57 18.72 20.39 -9.00
N GLY H 58 19.44 19.31 -8.76
CA GLY H 58 19.43 18.15 -9.64
C GLY H 58 18.76 16.98 -8.96
N ILE H 59 18.71 15.85 -9.64
CA ILE H 59 18.04 14.66 -9.12
C ILE H 59 18.83 13.42 -9.48
N SER H 60 18.86 12.45 -8.57
CA SER H 60 19.62 11.20 -8.80
C SER H 60 18.81 10.16 -9.58
N SER H 61 19.48 9.10 -10.04
CA SER H 61 18.79 8.08 -10.84
C SER H 61 17.75 7.30 -10.02
N LYS H 62 18.09 6.97 -8.79
CA LYS H 62 17.16 6.28 -7.88
C LYS H 62 15.90 7.12 -7.64
N ALA H 63 16.09 8.42 -7.43
CA ALA H 63 14.99 9.34 -7.23
C ALA H 63 14.09 9.48 -8.46
N MET H 64 14.69 9.43 -9.65
CA MET H 64 13.91 9.44 -10.87
C MET H 64 13.09 8.14 -11.03
N GLY H 65 13.67 7.03 -10.63
CA GLY H 65 12.96 5.76 -10.60
C GLY H 65 11.73 5.86 -9.72
N ILE H 66 11.92 6.45 -8.56
CA ILE H 66 10.80 6.67 -7.64
C ILE H 66 9.74 7.60 -8.24
N MET H 67 10.18 8.68 -8.86
CA MET H 67 9.25 9.56 -9.56
C MET H 67 8.47 8.87 -10.71
N ASN H 68 9.16 8.03 -11.46
CA ASN H 68 8.48 7.26 -12.50
C ASN H 68 7.43 6.32 -11.93
N SER H 69 7.80 5.65 -10.85
CA SER H 69 6.86 4.77 -10.17
C SER H 69 5.64 5.55 -9.68
N PHE H 70 5.88 6.72 -9.12
CA PHE H 70 4.82 7.59 -8.63
C PHE H 70 3.85 7.99 -9.73
N VAL H 71 4.38 8.41 -10.86
CA VAL H 71 3.53 8.87 -11.93
C VAL H 71 2.69 7.72 -12.47
N ASN H 72 3.31 6.56 -12.68
CA ASN H 72 2.56 5.40 -13.14
C ASN H 72 1.47 4.93 -12.16
N ASP H 73 1.77 4.99 -10.86
CA ASP H 73 0.80 4.64 -9.83
C ASP H 73 -0.41 5.55 -9.84
N ILE H 74 -0.17 6.85 -9.88
CA ILE H 74 -1.26 7.81 -9.86
C ILE H 74 -2.06 7.73 -11.14
N PHE H 75 -1.38 7.52 -12.26
CA PHE H 75 -2.06 7.36 -13.54
C PHE H 75 -3.04 6.19 -13.49
N GLU H 76 -2.58 5.04 -12.99
CA GLU H 76 -3.43 3.87 -12.91
C GLU H 76 -4.61 4.09 -11.97
N ARG H 77 -4.36 4.72 -10.82
CA ARG H 77 -5.44 5.00 -9.88
C ARG H 77 -6.54 5.86 -10.53
N ILE H 78 -6.14 6.98 -11.11
CA ILE H 78 -7.09 7.90 -11.73
C ILE H 78 -7.82 7.26 -12.92
N ALA H 79 -7.07 6.56 -13.75
CA ALA H 79 -7.67 5.94 -14.93
C ALA H 79 -8.65 4.83 -14.54
N GLY H 80 -8.31 4.06 -13.53
CA GLY H 80 -9.21 3.01 -13.05
C GLY H 80 -10.50 3.58 -12.48
N GLU H 81 -10.37 4.64 -11.71
CA GLU H 81 -11.54 5.27 -11.14
C GLU H 81 -12.44 5.85 -12.23
N ALA H 82 -11.82 6.50 -13.22
CA ALA H 82 -12.57 7.05 -14.34
C ALA H 82 -13.27 5.95 -15.13
N SER H 83 -12.59 4.84 -15.36
CA SER H 83 -13.19 3.69 -16.02
C SER H 83 -14.43 3.13 -15.27
N ARG H 84 -14.29 2.99 -13.96
CA ARG H 84 -15.42 2.55 -13.13
C ARG H 84 -16.58 3.54 -13.16
N LEU H 85 -16.26 4.84 -13.12
CA LEU H 85 -17.28 5.88 -13.19
C LEU H 85 -18.04 5.78 -14.50
N ALA H 86 -17.32 5.58 -15.61
CA ALA H 86 -17.98 5.48 -16.90
C ALA H 86 -18.84 4.24 -16.99
N HIS H 87 -18.35 3.14 -16.42
CA HIS H 87 -19.11 1.89 -16.43
C HIS H 87 -20.39 1.97 -15.60
N TYR H 88 -20.33 2.64 -14.46
CA TYR H 88 -21.50 2.79 -13.61
C TYR H 88 -22.63 3.55 -14.29
N ASN H 89 -22.26 4.60 -15.00
CA ASN H 89 -23.22 5.48 -15.66
C ASN H 89 -23.53 5.08 -17.08
N LYS H 90 -23.09 3.89 -17.47
CA LYS H 90 -23.38 3.30 -18.78
C LYS H 90 -22.96 4.23 -19.93
N ARG H 91 -21.75 4.76 -19.80
CA ARG H 91 -21.11 5.57 -20.82
C ARG H 91 -19.97 4.79 -21.40
N SER H 92 -19.65 5.09 -22.66
CA SER H 92 -18.59 4.41 -23.38
C SER H 92 -17.36 5.26 -23.61
N THR H 93 -17.29 6.42 -22.98
CA THR H 93 -16.21 7.38 -23.21
C THR H 93 -15.70 7.87 -21.87
N ILE H 94 -14.39 8.01 -21.75
CA ILE H 94 -13.78 8.64 -20.59
C ILE H 94 -13.49 10.08 -20.98
N THR H 95 -14.30 11.04 -20.52
CA THR H 95 -14.10 12.45 -20.85
C THR H 95 -13.45 13.16 -19.66
N SER H 96 -13.24 14.46 -19.77
CA SER H 96 -12.59 15.21 -18.68
C SER H 96 -13.48 15.25 -17.44
N ARG H 97 -14.78 15.09 -17.62
CA ARG H 97 -15.69 15.05 -16.47
C ARG H 97 -15.27 13.92 -15.53
N GLU H 98 -15.27 12.71 -16.05
CA GLU H 98 -14.83 11.53 -15.26
C GLU H 98 -13.43 11.68 -14.62
N ILE H 99 -12.50 12.27 -15.35
CA ILE H 99 -11.18 12.49 -14.79
C ILE H 99 -11.30 13.47 -13.62
N GLN H 100 -12.12 14.50 -13.78
CA GLN H 100 -12.32 15.45 -12.70
C GLN H 100 -12.97 14.80 -11.48
N THR H 101 -13.99 14.00 -11.72
CA THR H 101 -14.65 13.26 -10.64
C THR H 101 -13.72 12.25 -9.98
N ALA H 102 -12.90 11.58 -10.78
CA ALA H 102 -11.93 10.66 -10.23
C ALA H 102 -10.91 11.37 -9.34
N VAL H 103 -10.45 12.54 -9.76
CA VAL H 103 -9.51 13.31 -8.98
C VAL H 103 -10.11 13.72 -7.65
N ARG H 104 -11.36 14.17 -7.68
CA ARG H 104 -12.05 14.59 -6.46
C ARG H 104 -12.26 13.42 -5.51
N LEU H 105 -12.51 12.24 -6.08
CA LEU H 105 -12.65 11.01 -5.27
C LEU H 105 -11.35 10.53 -4.64
N LEU H 106 -10.24 10.60 -5.37
CA LEU H 106 -8.97 10.06 -4.93
C LEU H 106 -8.11 11.05 -4.14
N LEU H 107 -7.69 12.12 -4.78
CA LEU H 107 -6.81 13.10 -4.14
C LEU H 107 -7.50 13.65 -2.90
N PRO H 108 -6.76 13.92 -1.80
CA PRO H 108 -7.33 14.43 -0.54
C PRO H 108 -7.32 15.96 -0.38
N GLY H 109 -8.47 16.55 -0.08
CA GLY H 109 -8.53 17.96 0.37
C GLY H 109 -7.99 18.96 -0.62
N GLU H 110 -7.04 19.78 -0.20
CA GLU H 110 -6.48 20.83 -1.05
C GLU H 110 -5.89 20.28 -2.35
N LEU H 111 -5.17 19.15 -2.27
CA LEU H 111 -4.61 18.50 -3.44
C LEU H 111 -5.67 18.40 -4.54
N ALA H 112 -6.88 18.01 -4.16
CA ALA H 112 -7.98 17.84 -5.10
C ALA H 112 -8.35 19.19 -5.68
N LYS H 113 -8.52 20.19 -4.83
CA LYS H 113 -8.91 21.52 -5.28
C LYS H 113 -7.92 22.10 -6.30
N HIS H 114 -6.64 22.03 -5.97
CA HIS H 114 -5.62 22.58 -6.83
C HIS H 114 -5.47 21.79 -8.14
N ALA H 115 -5.56 20.46 -8.04
CA ALA H 115 -5.51 19.61 -9.22
C ALA H 115 -6.67 19.88 -10.16
N VAL H 116 -7.86 20.07 -9.60
CA VAL H 116 -9.02 20.40 -10.40
C VAL H 116 -8.82 21.72 -11.14
N SER H 117 -8.30 22.71 -10.43
CA SER H 117 -8.03 24.00 -11.06
C SER H 117 -7.03 23.85 -12.20
N GLU H 118 -5.95 23.11 -11.97
CA GLU H 118 -4.92 22.89 -12.99
C GLU H 118 -5.49 22.17 -14.23
N GLY H 119 -6.29 21.14 -13.99
CA GLY H 119 -6.94 20.41 -15.09
C GLY H 119 -7.87 21.27 -15.94
N THR H 120 -8.70 22.04 -15.25
CA THR H 120 -9.62 22.92 -15.93
C THR H 120 -8.87 23.97 -16.73
N LYS H 121 -7.82 24.54 -16.14
CA LYS H 121 -7.01 25.55 -16.84
C LYS H 121 -6.41 24.99 -18.11
N ALA H 122 -5.83 23.79 -18.02
CA ALA H 122 -5.21 23.15 -19.17
C ALA H 122 -6.22 22.88 -20.26
N VAL H 123 -7.38 22.37 -19.89
CA VAL H 123 -8.42 22.05 -20.88
C VAL H 123 -8.92 23.33 -21.56
N THR H 124 -9.11 24.39 -20.79
CA THR H 124 -9.54 25.66 -21.37
C THR H 124 -8.53 26.19 -22.36
N LYS H 125 -7.27 26.20 -21.96
CA LYS H 125 -6.19 26.68 -22.84
C LYS H 125 -6.09 25.83 -24.12
N TYR H 126 -6.20 24.51 -23.99
CA TYR H 126 -6.17 23.61 -25.13
C TYR H 126 -7.32 23.88 -26.08
N THR H 127 -8.52 24.05 -25.53
CA THR H 127 -9.72 24.27 -26.34
C THR H 127 -9.68 25.60 -27.06
N SER H 128 -9.16 26.64 -26.41
CA SER H 128 -9.04 27.96 -27.04
C SER H 128 -8.18 28.00 -28.31
N SER H 129 -7.02 27.35 -28.30
CA SER H 129 -6.15 27.28 -29.47
C SER H 129 -6.39 25.95 -30.19
N LYS H 130 -7.59 25.80 -30.73
CA LYS H 130 -8.08 24.56 -31.36
C LYS H 130 -7.73 23.25 -30.62
N ALA K 377 26.58 24.92 -12.98
CA ALA K 377 27.71 25.89 -13.00
C ALA K 377 27.93 26.46 -14.41
N ARG K 378 29.18 26.81 -14.73
CA ARG K 378 29.53 27.26 -16.07
C ARG K 378 29.34 26.16 -17.12
N LYS K 379 29.38 26.57 -18.39
CA LYS K 379 29.25 25.63 -19.50
C LYS K 379 30.49 24.74 -19.54
N ARG K 380 30.36 23.57 -20.14
CA ARG K 380 31.51 22.74 -20.49
C ARG K 380 32.48 23.53 -21.35
N GLN K 381 33.77 23.46 -21.02
CA GLN K 381 34.83 24.09 -21.81
C GLN K 381 35.93 23.06 -22.06
N ALA K 382 36.31 22.86 -23.33
CA ALA K 382 37.28 21.83 -23.72
C ALA K 382 38.75 22.23 -23.51
N TRP K 383 39.65 21.27 -23.72
CA TRP K 383 41.12 21.48 -23.62
C TRP K 383 41.80 21.50 -24.99
N LEU K 384 42.46 22.62 -25.32
CA LEU K 384 43.15 22.79 -26.60
C LEU K 384 44.64 22.48 -26.47
N TRP K 385 45.40 22.79 -27.52
CA TRP K 385 46.85 22.53 -27.52
C TRP K 385 47.60 23.36 -26.47
N GLU K 386 47.30 24.65 -26.40
CA GLU K 386 47.98 25.57 -25.47
C GLU K 386 47.99 25.15 -24.00
N GLU K 387 46.82 24.87 -23.46
CA GLU K 387 46.68 24.44 -22.05
C GLU K 387 47.00 22.96 -21.90
N ASP K 388 47.29 22.27 -23.01
CA ASP K 388 47.77 20.91 -22.93
C ASP K 388 49.28 20.95 -22.75
N LYS K 389 49.96 21.60 -23.68
CA LYS K 389 51.42 21.69 -23.62
C LYS K 389 51.95 22.37 -22.36
N ASN K 390 51.25 23.42 -21.91
CA ASN K 390 51.62 24.09 -20.66
C ASN K 390 51.54 23.12 -19.48
N LEU K 391 50.48 22.32 -19.43
CA LEU K 391 50.29 21.34 -18.34
C LEU K 391 51.37 20.28 -18.41
N ARG K 392 51.75 19.85 -19.62
CA ARG K 392 52.84 18.86 -19.77
C ARG K 392 54.14 19.47 -19.26
N SER K 393 54.41 20.71 -19.65
CA SER K 393 55.62 21.42 -19.19
C SER K 393 55.59 21.61 -17.67
N GLY K 394 54.40 21.85 -17.12
CA GLY K 394 54.26 22.03 -15.67
C GLY K 394 54.48 20.78 -14.87
N VAL K 395 53.87 19.67 -15.30
CA VAL K 395 54.10 18.40 -14.63
C VAL K 395 55.59 18.14 -14.67
N ARG K 396 56.24 18.56 -15.76
CA ARG K 396 57.69 18.46 -15.84
C ARG K 396 58.38 19.43 -14.88
N LYS K 397 57.86 20.64 -14.76
CA LYS K 397 58.53 21.67 -13.92
C LYS K 397 58.22 21.54 -12.44
N TYR K 398 56.95 21.65 -12.06
CA TYR K 398 56.56 21.61 -10.65
C TYR K 398 56.32 20.19 -10.16
N GLY K 399 56.38 19.21 -11.07
CA GLY K 399 56.16 17.81 -10.71
C GLY K 399 54.68 17.45 -10.66
N GLU K 400 54.38 16.18 -10.91
CA GLU K 400 53.00 15.69 -10.89
C GLU K 400 52.39 15.86 -9.50
N GLY K 401 51.08 16.05 -9.45
CA GLY K 401 50.39 16.18 -8.17
C GLY K 401 50.40 17.61 -7.66
N ASN K 402 51.41 18.38 -8.03
CA ASN K 402 51.49 19.78 -7.64
C ASN K 402 50.64 20.67 -8.59
N TRP K 403 49.33 20.40 -8.62
CA TRP K 403 48.44 21.07 -9.59
C TRP K 403 48.20 22.53 -9.20
N SER K 404 47.93 22.78 -7.91
CA SER K 404 47.62 24.13 -7.44
C SER K 404 48.71 25.12 -7.87
N LYS K 405 49.96 24.82 -7.53
CA LYS K 405 51.06 25.75 -7.84
C LYS K 405 51.31 25.85 -9.35
N ILE K 406 51.20 24.73 -10.07
CA ILE K 406 51.29 24.75 -11.53
C ILE K 406 50.24 25.71 -12.07
N LEU K 407 49.04 25.65 -11.49
CA LEU K 407 47.97 26.54 -11.89
C LEU K 407 48.45 27.98 -11.80
N LEU K 408 49.17 28.29 -10.73
CA LEU K 408 49.68 29.64 -10.50
C LEU K 408 50.81 29.98 -11.47
N HIS K 409 51.73 29.05 -11.67
CA HIS K 409 52.89 29.29 -12.52
C HIS K 409 52.50 29.58 -13.96
N TYR K 410 51.70 28.70 -14.55
CA TYR K 410 51.33 28.85 -15.96
C TYR K 410 49.97 29.55 -16.09
N LYS K 411 49.60 29.88 -17.31
CA LYS K 411 48.30 30.51 -17.59
C LYS K 411 47.31 29.49 -18.12
N PHE K 412 46.49 28.93 -17.25
CA PHE K 412 45.43 28.01 -17.68
C PHE K 412 44.09 28.68 -17.48
N ASN K 413 43.76 29.62 -18.36
CA ASN K 413 42.50 30.37 -18.24
C ASN K 413 41.33 29.46 -17.82
N ASN K 414 40.62 29.85 -16.76
CA ASN K 414 39.44 29.11 -16.30
C ASN K 414 39.70 27.62 -16.04
N ARG K 415 40.78 27.31 -15.33
CA ARG K 415 41.09 25.93 -14.98
C ARG K 415 41.43 25.76 -13.51
N THR K 416 40.51 25.16 -12.75
CA THR K 416 40.73 24.96 -11.31
C THR K 416 41.67 23.79 -11.08
N SER K 417 42.15 23.66 -9.85
CA SER K 417 43.11 22.60 -9.52
C SER K 417 42.58 21.22 -9.93
N VAL K 418 41.35 20.92 -9.56
CA VAL K 418 40.77 19.62 -9.86
C VAL K 418 40.66 19.43 -11.37
N MET K 419 40.35 20.50 -12.10
CA MET K 419 40.29 20.41 -13.56
C MET K 419 41.65 19.98 -14.10
N LEU K 420 42.72 20.52 -13.52
CA LEU K 420 44.07 20.11 -13.88
C LEU K 420 44.28 18.60 -13.67
N LYS K 421 43.87 18.12 -12.49
CA LYS K 421 43.93 16.70 -12.15
C LYS K 421 43.16 15.81 -13.13
N ASP K 422 41.91 16.17 -13.43
CA ASP K 422 41.09 15.38 -14.34
C ASP K 422 41.68 15.40 -15.73
N ARG K 423 42.22 16.54 -16.15
CA ARG K 423 42.81 16.66 -17.47
C ARG K 423 44.00 15.72 -17.60
N TRP K 424 44.89 15.72 -16.61
CA TRP K 424 46.04 14.82 -16.63
C TRP K 424 45.65 13.33 -16.57
N ARG K 425 44.60 13.02 -15.82
CA ARG K 425 44.05 11.66 -15.83
C ARG K 425 43.54 11.30 -17.23
N THR K 426 42.96 12.27 -17.92
CA THR K 426 42.55 12.09 -19.32
C THR K 426 43.78 11.85 -20.18
N MET K 427 44.86 12.61 -19.93
CA MET K 427 46.12 12.35 -20.60
C MET K 427 46.56 10.88 -20.44
N LYS K 428 46.59 10.41 -19.18
CA LYS K 428 46.99 9.04 -18.88
C LYS K 428 46.10 7.98 -19.56
N LYS K 429 44.79 8.20 -19.55
CA LYS K 429 43.84 7.28 -20.16
C LYS K 429 43.97 7.21 -21.69
N LEU K 430 44.27 8.35 -22.31
CA LEU K 430 44.30 8.47 -23.78
C LEU K 430 45.70 8.24 -24.37
N LYS K 431 46.70 7.97 -23.52
CA LYS K 431 48.09 7.79 -23.96
C LYS K 431 48.57 8.97 -24.81
N LEU K 432 48.25 10.18 -24.35
CA LEU K 432 48.73 11.41 -24.97
C LEU K 432 49.94 11.92 -24.23
N ILE K 433 50.33 11.25 -23.15
CA ILE K 433 51.45 11.67 -22.31
C ILE K 433 52.59 10.65 -22.33
N SER K 434 53.79 11.13 -22.65
CA SER K 434 55.01 10.31 -22.65
C SER K 434 56.26 11.19 -22.53
N SER K 435 57.26 10.69 -21.80
CA SER K 435 58.48 11.45 -21.51
C SER K 435 59.34 11.61 -22.76
N HIS L 375 50.90 12.32 -0.28
CA HIS L 375 51.87 12.44 -1.40
C HIS L 375 51.81 11.19 -2.28
N ARG L 376 52.39 11.29 -3.48
CA ARG L 376 52.48 10.15 -4.41
C ARG L 376 53.13 8.90 -3.80
N ALA L 377 54.23 9.08 -3.08
CA ALA L 377 54.96 7.98 -2.45
C ALA L 377 54.12 7.25 -1.41
N ARG L 378 53.38 8.00 -0.60
CA ARG L 378 52.52 7.39 0.44
C ARG L 378 51.13 7.14 -0.12
N LYS L 379 50.82 5.87 -0.35
CA LYS L 379 49.50 5.47 -0.88
C LYS L 379 48.37 5.88 0.07
N ARG L 380 47.36 6.54 -0.48
CA ARG L 380 46.16 6.92 0.28
C ARG L 380 45.45 5.62 0.63
N GLN L 381 45.23 5.42 1.92
CA GLN L 381 44.54 4.24 2.40
C GLN L 381 43.46 4.72 3.35
N ALA L 382 42.41 3.93 3.51
CA ALA L 382 41.28 4.32 4.38
C ALA L 382 41.46 3.83 5.81
N TRP L 383 40.56 4.25 6.72
CA TRP L 383 40.64 3.85 8.13
C TRP L 383 39.87 2.54 8.40
N LEU L 384 40.53 1.58 9.06
CA LEU L 384 39.94 0.29 9.41
C LEU L 384 39.17 0.40 10.74
N TRP L 385 38.17 -0.46 10.95
CA TRP L 385 37.41 -0.52 12.20
C TRP L 385 38.39 -0.67 13.36
N GLU L 386 39.46 -1.45 13.18
CA GLU L 386 40.47 -1.66 14.20
C GLU L 386 41.09 -0.35 14.69
N GLU L 387 41.35 0.57 13.76
CA GLU L 387 42.00 1.85 14.09
C GLU L 387 41.06 2.93 14.60
N ASP L 388 39.83 2.93 14.12
CA ASP L 388 38.83 3.84 14.66
C ASP L 388 38.57 3.45 16.10
N LYS L 389 38.46 2.16 16.39
CA LYS L 389 38.30 1.74 17.77
C LYS L 389 39.47 2.26 18.57
N ASN L 390 40.67 1.97 18.11
CA ASN L 390 41.85 2.34 18.87
C ASN L 390 41.89 3.83 19.14
N LEU L 391 41.66 4.63 18.11
CA LEU L 391 41.67 6.08 18.28
C LEU L 391 40.58 6.41 19.26
N ARG L 392 39.39 5.84 19.03
CA ARG L 392 38.27 6.09 19.92
C ARG L 392 38.70 5.86 21.36
N SER L 393 39.18 4.66 21.63
CA SER L 393 39.66 4.32 22.97
C SER L 393 40.63 5.32 23.58
N GLY L 394 41.74 5.54 22.89
CA GLY L 394 42.76 6.44 23.41
C GLY L 394 42.27 7.83 23.71
N VAL L 395 41.53 8.40 22.77
CA VAL L 395 41.05 9.75 22.96
C VAL L 395 40.36 9.77 24.29
N ARG L 396 39.69 8.68 24.63
CA ARG L 396 39.08 8.60 25.93
C ARG L 396 40.14 8.58 27.00
N LYS L 397 40.98 7.56 26.97
CA LYS L 397 41.94 7.38 28.06
C LYS L 397 43.01 8.46 28.11
N TYR L 398 43.81 8.56 27.07
CA TYR L 398 44.92 9.50 27.08
C TYR L 398 44.44 10.92 26.82
N GLY L 399 43.14 11.10 26.60
CA GLY L 399 42.57 12.44 26.52
C GLY L 399 42.66 13.05 25.15
N GLU L 400 41.63 13.79 24.74
CA GLU L 400 41.59 14.36 23.40
C GLU L 400 42.71 15.37 23.22
N GLY L 401 43.38 15.29 22.09
CA GLY L 401 44.48 16.20 21.75
C GLY L 401 45.86 15.66 22.01
N ASN L 402 45.99 14.52 22.69
CA ASN L 402 47.29 13.89 22.93
C ASN L 402 47.60 12.89 21.81
N TRP L 403 47.64 13.41 20.59
CA TRP L 403 47.74 12.55 19.42
C TRP L 403 49.05 11.79 19.37
N SER L 404 50.10 12.35 19.97
CA SER L 404 51.40 11.66 19.96
C SER L 404 51.41 10.38 20.79
N LYS L 405 50.90 10.46 22.02
CA LYS L 405 50.91 9.29 22.92
C LYS L 405 49.84 8.25 22.58
N ILE L 406 48.74 8.68 21.99
CA ILE L 406 47.76 7.72 21.49
C ILE L 406 48.41 6.90 20.37
N LEU L 407 49.19 7.57 19.53
CA LEU L 407 49.94 6.90 18.48
C LEU L 407 50.98 5.91 19.06
N LEU L 408 51.44 6.16 20.28
CA LEU L 408 52.45 5.34 20.92
C LEU L 408 51.91 4.02 21.49
N HIS L 409 50.83 4.09 22.27
CA HIS L 409 50.37 2.93 23.03
C HIS L 409 49.35 2.05 22.31
N TYR L 410 48.86 2.50 21.15
CA TYR L 410 47.88 1.74 20.38
C TYR L 410 48.52 1.30 19.06
N LYS L 411 47.77 0.58 18.22
CA LYS L 411 48.28 0.08 16.93
C LYS L 411 47.55 0.78 15.77
N PHE L 412 48.33 1.23 14.79
CA PHE L 412 47.78 1.94 13.63
C PHE L 412 48.58 1.52 12.40
N ASN L 413 48.05 1.74 11.20
CA ASN L 413 48.70 1.25 9.98
C ASN L 413 49.61 2.32 9.39
N ASN L 414 50.76 2.51 10.03
CA ASN L 414 51.71 3.53 9.63
C ASN L 414 51.06 4.91 9.56
N ARG L 415 50.33 5.27 10.62
CA ARG L 415 49.72 6.59 10.70
C ARG L 415 50.67 7.55 11.41
N THR L 416 50.42 8.84 11.24
CA THR L 416 51.18 9.88 11.95
C THR L 416 50.29 10.60 12.93
N SER L 417 50.91 11.39 13.78
CA SER L 417 50.16 12.11 14.79
C SER L 417 49.09 12.97 14.17
N VAL L 418 49.41 13.59 13.05
CA VAL L 418 48.47 14.49 12.39
C VAL L 418 47.33 13.69 11.78
N MET L 419 47.66 12.53 11.24
CA MET L 419 46.66 11.68 10.61
C MET L 419 45.53 11.35 11.57
N LEU L 420 45.90 11.06 12.82
CA LEU L 420 44.91 10.81 13.86
C LEU L 420 44.06 12.06 14.06
N LYS L 421 44.71 13.23 14.03
CA LYS L 421 43.99 14.50 14.11
C LYS L 421 42.97 14.64 12.99
N ASP L 422 43.40 14.40 11.76
CA ASP L 422 42.49 14.54 10.63
C ASP L 422 41.35 13.56 10.75
N ARG L 423 41.64 12.32 11.15
CA ARG L 423 40.60 11.33 11.27
C ARG L 423 39.59 11.66 12.36
N TRP L 424 40.06 12.18 13.48
CA TRP L 424 39.15 12.60 14.55
C TRP L 424 38.25 13.72 14.07
N ARG L 425 38.80 14.67 13.32
CA ARG L 425 37.97 15.74 12.78
C ARG L 425 36.88 15.20 11.85
N THR L 426 37.24 14.27 10.98
CA THR L 426 36.29 13.66 10.08
C THR L 426 35.20 12.88 10.81
N MET L 427 35.59 12.14 11.84
CA MET L 427 34.61 11.39 12.63
C MET L 427 33.62 12.29 13.35
N LYS L 428 34.08 13.44 13.86
CA LYS L 428 33.20 14.43 14.45
C LYS L 428 32.26 15.01 13.41
N LYS L 429 32.77 15.22 12.20
CA LYS L 429 31.94 15.72 11.11
C LYS L 429 30.82 14.75 10.79
N LEU L 430 31.15 13.45 10.77
CA LEU L 430 30.19 12.43 10.39
C LEU L 430 29.45 11.80 11.58
N LYS L 431 29.58 12.39 12.76
CA LYS L 431 28.96 11.89 13.99
C LYS L 431 29.26 10.40 14.24
N LEU L 432 30.54 10.07 14.27
CA LEU L 432 31.00 8.75 14.69
C LEU L 432 31.64 8.87 16.07
N ILE L 433 31.66 10.08 16.60
CA ILE L 433 32.18 10.31 17.93
C ILE L 433 30.95 10.22 18.78
N ASP L 436 28.71 14.69 22.67
CA ASP L 436 29.11 15.35 23.88
C ASP L 436 28.06 15.05 24.93
N GLU L 438 25.48 15.46 27.95
CA GLU L 438 24.60 16.52 28.43
C GLU L 438 25.24 17.19 29.62
N ASP L 439 25.24 18.52 29.61
CA ASP L 439 25.83 19.27 30.71
C ASP L 439 25.26 20.68 30.74
#